data_8VRH
#
_entry.id   8VRH
#
_cell.length_a   79.022
_cell.length_b   83.003
_cell.length_c   121.642
_cell.angle_alpha   90.00
_cell.angle_beta   90.00
_cell.angle_gamma   90.00
#
_symmetry.space_group_name_H-M   'P 21 21 21'
#
loop_
_entity.id
_entity.type
_entity.pdbx_description
1 polymer 'Peptidyl-prolyl cis-trans isomerase B'
2 non-polymer 1,2-ETHANEDIOL
3 non-polymer 'TRIETHYLENE GLYCOL'
4 non-polymer DI(HYDROXYETHYL)ETHER
5 non-polymer 'PENTAETHYLENE GLYCOL'
6 non-polymer 3,6,9,12,15,18,21,24,27-NONAOXANONACOSANE-1,29-DIOL
7 water water
#
_entity_poly.entity_id   1
_entity_poly.type   'polypeptide(L)'
_entity_poly.pdbx_seq_one_letter_code
;(FME)VTFHTNHGDIVIKTFDDKAPETVKNF(A1ADO)DYCREGFYNNTIFHRVINGFMIQGGGFEPGMKQKATKEPIKN
EANNG(A1ADO)KNTRGT(A1ADO)AMARTQAPHSATAQFFINVVDNDF(A1ADO)NFSGES(A1ADO)QGWGYCVFAEV
VDGMDVVDKIKGVATGRSGMHQDVPKEDVIIESVTVSE
;
_entity_poly.pdbx_strand_id   A,B,C,D
#
loop_
_chem_comp.id
_chem_comp.type
_chem_comp.name
_chem_comp.formula
1PE non-polymer 'PENTAETHYLENE GLYCOL' 'C10 H22 O6'
EDO non-polymer 1,2-ETHANEDIOL 'C2 H6 O2'
PEG non-polymer DI(HYDROXYETHYL)ETHER 'C4 H10 O3'
PGE non-polymer 'TRIETHYLENE GLYCOL' 'C6 H14 O4'
XPE non-polymer 3,6,9,12,15,18,21,24,27-NONAOXANONACOSANE-1,29-DIOL 'C20 H42 O11'
#
# COMPACT_ATOMS: atom_id res chain seq x y z
N FME A 1 5.83 -0.76 -5.67
CN FME A 1 7.09 -0.39 -5.21
O1 FME A 1 8.17 -0.66 -5.76
CA FME A 1 5.59 -1.53 -6.85
CB FME A 1 4.80 -2.82 -6.57
CG FME A 1 5.42 -4.02 -7.24
SD FME A 1 5.67 -5.33 -6.07
CE FME A 1 5.63 -4.46 -4.55
C FME A 1 4.84 -0.74 -7.92
O FME A 1 4.08 0.20 -7.70
N VAL A 2 5.07 -1.16 -9.15
CA VAL A 2 4.47 -0.52 -10.31
C VAL A 2 4.13 -1.63 -11.31
N THR A 3 2.97 -1.54 -11.95
CA THR A 3 2.58 -2.51 -12.97
C THR A 3 2.34 -1.79 -14.28
N PHE A 4 3.15 -2.12 -15.30
CA PHE A 4 2.84 -1.82 -16.70
C PHE A 4 1.77 -2.77 -17.20
N HIS A 5 0.62 -2.21 -17.57
CA HIS A 5 -0.47 -2.95 -18.21
C HIS A 5 -0.27 -2.81 -19.71
N THR A 6 0.35 -3.81 -20.34
CA THR A 6 0.59 -3.77 -21.78
C THR A 6 -0.45 -4.59 -22.53
N ASN A 7 -0.49 -4.42 -23.85
CA ASN A 7 -1.39 -5.24 -24.63
C ASN A 7 -0.86 -6.65 -24.86
N HIS A 8 0.22 -7.02 -24.19
CA HIS A 8 0.70 -8.40 -24.13
C HIS A 8 0.62 -8.99 -22.73
N GLY A 9 0.15 -8.25 -21.73
CA GLY A 9 0.07 -8.70 -20.36
C GLY A 9 0.75 -7.73 -19.40
N ASP A 10 0.67 -8.07 -18.11
CA ASP A 10 1.13 -7.21 -17.03
C ASP A 10 2.60 -7.48 -16.70
N ILE A 11 3.37 -6.40 -16.53
CA ILE A 11 4.75 -6.46 -16.09
C ILE A 11 4.81 -5.72 -14.75
N VAL A 12 5.14 -6.45 -13.69
CA VAL A 12 5.17 -5.91 -12.34
C VAL A 12 6.62 -5.67 -11.96
N ILE A 13 6.92 -4.47 -11.48
CA ILE A 13 8.31 -4.14 -11.14
C ILE A 13 8.41 -3.55 -9.73
N LYS A 14 9.53 -3.83 -9.08
CA LYS A 14 9.86 -3.24 -7.79
C LYS A 14 10.96 -2.20 -7.99
N THR A 15 10.72 -0.97 -7.53
CA THR A 15 11.71 0.08 -7.69
C THR A 15 12.84 -0.05 -6.65
N PHE A 16 13.99 0.51 -7.01
CA PHE A 16 15.18 0.50 -6.13
C PHE A 16 15.37 1.87 -5.46
N ASP A 17 14.40 2.25 -4.62
CA ASP A 17 14.34 3.63 -4.12
C ASP A 17 15.62 4.07 -3.41
N ASP A 18 16.31 3.18 -2.70
CA ASP A 18 17.53 3.60 -1.99
C ASP A 18 18.72 3.78 -2.92
N LYS A 19 18.81 2.98 -3.98
CA LYS A 19 20.00 2.93 -4.82
C LYS A 19 19.94 3.91 -5.99
N ALA A 20 18.75 4.34 -6.40
CA ALA A 20 18.60 5.30 -7.50
C ALA A 20 17.46 6.25 -7.16
N PRO A 21 17.62 7.04 -6.09
CA PRO A 21 16.48 7.84 -5.60
C PRO A 21 15.95 8.85 -6.61
N GLU A 22 16.82 9.59 -7.30
CA GLU A 22 16.31 10.55 -8.27
C GLU A 22 15.71 9.88 -9.50
N THR A 23 16.29 8.75 -9.95
CA THR A 23 15.70 8.00 -11.06
C THR A 23 14.33 7.46 -10.68
N VAL A 24 14.20 6.93 -9.47
CA VAL A 24 12.92 6.32 -9.09
C VAL A 24 11.84 7.39 -8.93
N LYS A 25 12.18 8.52 -8.33
CA LYS A 25 11.23 9.63 -8.23
C LYS A 25 10.79 10.15 -9.60
N ASN A 26 11.76 10.36 -10.50
CA ASN A 26 11.46 10.80 -11.86
C ASN A 26 10.51 9.83 -12.56
N PHE A 27 10.81 8.53 -12.48
CA PHE A 27 9.99 7.46 -13.03
C PHE A 27 8.57 7.51 -12.48
N A1ADO A 28 8.44 7.57 -11.15
CA A1ADO A 28 7.08 7.41 -10.37
C A1ADO A 28 6.22 8.70 -10.81
O A1ADO A 28 5.04 8.57 -10.98
CB A1ADO A 28 7.27 7.13 -8.93
CG A1ADO A 28 8.09 5.92 -8.60
CD1 A1ADO A 28 8.24 5.79 -7.09
CD2 A1ADO A 28 7.41 4.66 -9.15
F2 A1ADO A 28 6.09 4.72 -8.88
N ASP A 29 6.87 9.86 -10.97
CA ASP A 29 6.17 11.08 -11.34
C ASP A 29 5.57 10.92 -12.73
N TYR A 30 6.36 10.38 -13.67
CA TYR A 30 5.84 10.10 -14.99
C TYR A 30 4.69 9.10 -14.92
N CYS A 31 4.86 8.03 -14.14
CA CYS A 31 3.78 7.06 -13.95
C CYS A 31 2.50 7.73 -13.50
N ARG A 32 2.60 8.55 -12.44
CA ARG A 32 1.40 9.09 -11.81
C ARG A 32 0.75 10.17 -12.67
N GLU A 33 1.55 10.83 -13.50
CA GLU A 33 1.03 11.85 -14.40
C GLU A 33 0.43 11.25 -15.68
N GLY A 34 0.43 9.94 -15.82
CA GLY A 34 -0.08 9.30 -17.01
C GLY A 34 0.85 9.35 -18.21
N PHE A 35 2.09 9.76 -18.01
CA PHE A 35 2.99 9.97 -19.14
C PHE A 35 3.14 8.70 -19.98
N TYR A 36 3.16 7.53 -19.35
CA TYR A 36 3.41 6.30 -20.08
C TYR A 36 2.15 5.71 -20.70
N ASN A 37 0.97 6.23 -20.33
CA ASN A 37 -0.28 5.80 -20.94
C ASN A 37 -0.20 5.94 -22.45
N ASN A 38 -0.46 4.85 -23.16
CA ASN A 38 -0.45 4.85 -24.62
C ASN A 38 0.92 5.25 -25.19
N THR A 39 2.00 4.93 -24.49
CA THR A 39 3.29 4.84 -25.15
C THR A 39 3.55 3.40 -25.59
N ILE A 40 4.65 3.20 -26.31
CA ILE A 40 4.94 1.89 -26.88
C ILE A 40 6.34 1.47 -26.49
N PHE A 41 6.60 0.18 -26.64
CA PHE A 41 7.97 -0.33 -26.71
C PHE A 41 8.41 -0.17 -28.15
N HIS A 42 9.12 0.92 -28.44
CA HIS A 42 9.46 1.30 -29.80
C HIS A 42 10.77 0.70 -30.30
N ARG A 43 11.55 0.07 -29.41
CA ARG A 43 12.85 -0.48 -29.79
C ARG A 43 12.99 -1.82 -29.08
N VAL A 44 12.93 -2.89 -29.86
CA VAL A 44 12.88 -4.25 -29.33
C VAL A 44 13.97 -5.04 -30.02
N ILE A 45 14.94 -5.52 -29.26
CA ILE A 45 16.08 -6.28 -29.79
C ILE A 45 16.18 -7.57 -28.97
N ASN A 46 15.75 -8.69 -29.54
CA ASN A 46 15.80 -9.98 -28.86
C ASN A 46 17.23 -10.30 -28.47
N GLY A 47 17.40 -10.88 -27.28
CA GLY A 47 18.72 -11.15 -26.79
C GLY A 47 19.46 -9.94 -26.29
N PHE A 48 18.77 -8.83 -26.12
CA PHE A 48 19.36 -7.56 -25.70
C PHE A 48 18.39 -6.89 -24.71
N MET A 49 17.37 -6.21 -25.20
CA MET A 49 16.49 -5.47 -24.30
C MET A 49 15.25 -5.02 -25.07
N ILE A 50 14.25 -4.55 -24.32
CA ILE A 50 13.07 -3.90 -24.88
C ILE A 50 12.97 -2.53 -24.23
N GLN A 51 12.72 -1.51 -25.05
CA GLN A 51 12.82 -0.11 -24.67
C GLN A 51 11.54 0.60 -25.05
N GLY A 52 11.05 1.44 -24.14
CA GLY A 52 9.83 2.15 -24.35
C GLY A 52 9.71 3.37 -23.46
N GLY A 53 8.50 3.89 -23.36
CA GLY A 53 8.24 5.04 -22.51
C GLY A 53 8.56 6.38 -23.14
N GLY A 54 8.58 6.47 -24.46
CA GLY A 54 8.91 7.73 -25.11
C GLY A 54 7.98 8.13 -26.23
N PHE A 55 7.46 7.14 -26.94
CA PHE A 55 6.76 7.38 -28.19
C PHE A 55 5.33 6.85 -28.10
N GLU A 56 4.42 7.60 -28.69
CA GLU A 56 3.05 7.17 -28.96
C GLU A 56 3.00 6.44 -30.29
N PRO A 57 1.93 5.68 -30.56
CA PRO A 57 1.80 5.02 -31.86
C PRO A 57 1.99 6.02 -33.00
N GLY A 58 2.70 5.58 -34.03
CA GLY A 58 3.16 6.47 -35.09
C GLY A 58 4.46 7.17 -34.80
N MET A 59 5.21 6.73 -33.79
CA MET A 59 6.46 7.34 -33.32
C MET A 59 6.35 8.86 -33.14
N LYS A 60 5.33 9.27 -32.41
CA LYS A 60 5.12 10.66 -32.01
C LYS A 60 5.75 10.80 -30.63
N GLN A 61 6.92 11.42 -30.57
CA GLN A 61 7.67 11.49 -29.32
C GLN A 61 6.95 12.41 -28.36
N LYS A 62 6.88 12.01 -27.10
CA LYS A 62 6.18 12.82 -26.11
C LYS A 62 7.14 13.87 -25.55
N ALA A 63 6.58 15.03 -25.20
CA ALA A 63 7.34 16.06 -24.52
C ALA A 63 7.71 15.59 -23.13
N THR A 64 8.94 15.87 -22.71
CA THR A 64 9.46 15.38 -21.44
C THR A 64 9.90 16.52 -20.55
N LYS A 65 10.22 16.18 -19.30
CA LYS A 65 10.81 17.11 -18.35
C LYS A 65 12.33 17.17 -18.55
N GLU A 66 13.00 18.03 -17.78
CA GLU A 66 14.44 18.15 -17.95
C GLU A 66 15.06 16.82 -17.56
N PRO A 67 16.23 16.49 -18.10
CA PRO A 67 16.81 15.16 -17.85
C PRO A 67 17.28 15.00 -16.40
N ILE A 68 17.56 13.75 -16.04
CA ILE A 68 17.97 13.40 -14.68
C ILE A 68 19.45 13.02 -14.65
N LYS A 69 20.03 13.11 -13.46
CA LYS A 69 21.38 12.64 -13.23
C LYS A 69 21.45 11.13 -13.43
N ASN A 70 22.58 10.67 -13.95
CA ASN A 70 22.84 9.24 -14.06
C ASN A 70 23.25 8.69 -12.69
N GLU A 71 22.48 7.75 -12.15
CA GLU A 71 22.81 7.14 -10.87
C GLU A 71 23.42 5.75 -11.00
N ALA A 72 24.00 5.43 -12.17
CA ALA A 72 24.56 4.11 -12.39
C ALA A 72 25.77 3.79 -11.51
N ASN A 73 26.39 4.80 -10.88
CA ASN A 73 27.48 4.56 -9.96
C ASN A 73 26.96 3.98 -8.65
N ASN A 74 25.74 3.45 -8.65
CA ASN A 74 25.20 2.75 -7.51
C ASN A 74 25.66 1.29 -7.43
N GLY A 75 26.41 0.82 -8.42
CA GLY A 75 26.89 -0.54 -8.42
C GLY A 75 25.90 -1.65 -8.83
N A1ADO A 76 24.68 -1.29 -9.18
CA A1ADO A 76 23.69 -2.31 -9.58
C A1ADO A 76 23.95 -2.65 -11.06
O A1ADO A 76 24.24 -1.79 -11.81
CB A1ADO A 76 22.28 -1.85 -9.34
CG A1ADO A 76 22.09 -1.21 -7.99
CD1 A1ADO A 76 20.58 -1.01 -7.81
CD2 A1ADO A 76 22.63 -2.13 -6.87
F2 A1ADO A 76 22.08 -3.37 -6.98
N LYS A 77 23.86 -3.94 -11.39
CA LYS A 77 24.27 -4.48 -12.69
C LYS A 77 23.04 -4.66 -13.59
N ASN A 78 23.25 -4.50 -14.89
CA ASN A 78 22.20 -4.71 -15.90
C ASN A 78 21.97 -6.20 -16.17
N THR A 79 21.56 -6.91 -15.13
CA THR A 79 21.25 -8.32 -15.23
C THR A 79 19.83 -8.50 -15.77
N ARG A 80 19.55 -9.71 -16.25
CA ARG A 80 18.27 -10.01 -16.87
C ARG A 80 17.13 -9.66 -15.95
N GLY A 81 16.17 -8.90 -16.46
CA GLY A 81 14.99 -8.53 -15.73
C GLY A 81 15.07 -7.18 -15.05
N THR A 82 16.27 -6.61 -14.92
CA THR A 82 16.41 -5.26 -14.37
C THR A 82 15.90 -4.20 -15.34
N A1ADO A 83 15.38 -3.10 -14.79
CA A1ADO A 83 15.10 -1.91 -15.60
C A1ADO A 83 16.22 -0.86 -15.43
O A1ADO A 83 16.71 -0.63 -14.37
CB A1ADO A 83 13.77 -1.29 -15.22
CG A1ADO A 83 12.64 -2.09 -15.82
CD1 A1ADO A 83 12.16 -3.11 -14.80
CD2 A1ADO A 83 11.47 -1.15 -16.21
F2 A1ADO A 83 11.08 -0.46 -15.10
N ALA A 84 16.57 -0.24 -16.56
CA ALA A 84 17.52 0.83 -16.60
C ALA A 84 16.98 1.96 -17.48
N MET A 85 17.58 3.13 -17.31
CA MET A 85 17.22 4.33 -18.06
C MET A 85 17.92 4.35 -19.41
N ALA A 86 17.14 4.45 -20.49
CA ALA A 86 17.67 4.82 -21.79
C ALA A 86 18.14 6.27 -21.75
N ARG A 87 19.06 6.61 -22.66
CA ARG A 87 19.63 7.95 -22.74
C ARG A 87 20.42 8.10 -24.02
N THR A 88 20.83 9.34 -24.32
CA THR A 88 21.73 9.58 -25.44
C THR A 88 23.18 9.45 -24.96
N GLN A 89 24.13 9.87 -25.78
CA GLN A 89 25.55 9.75 -25.42
C GLN A 89 25.87 10.52 -24.13
N ALA A 90 25.17 11.61 -23.84
CA ALA A 90 25.46 12.38 -22.63
C ALA A 90 24.99 11.57 -21.43
N PRO A 91 25.84 11.27 -20.46
CA PRO A 91 25.43 10.37 -19.36
C PRO A 91 24.22 10.87 -18.59
N HIS A 92 24.08 12.18 -18.41
CA HIS A 92 23.03 12.75 -17.60
C HIS A 92 21.88 13.27 -18.45
N SER A 93 21.57 12.56 -19.54
CA SER A 93 20.57 12.98 -20.51
C SER A 93 19.24 12.24 -20.40
N ALA A 94 19.11 11.24 -19.54
CA ALA A 94 17.90 10.41 -19.54
C ALA A 94 16.67 11.22 -19.14
N THR A 95 15.53 10.90 -19.76
CA THR A 95 14.28 11.57 -19.40
C THR A 95 13.24 10.54 -18.97
N ALA A 96 12.41 10.09 -19.90
CA ALA A 96 11.36 9.16 -19.57
C ALA A 96 11.63 7.74 -20.05
N GLN A 97 12.44 7.57 -21.07
CA GLN A 97 12.60 6.27 -21.70
C GLN A 97 13.40 5.32 -20.80
N PHE A 98 12.96 4.07 -20.75
CA PHE A 98 13.59 3.04 -19.95
C PHE A 98 13.71 1.77 -20.80
N PHE A 99 14.48 0.80 -20.31
CA PHE A 99 14.50 -0.50 -20.98
C PHE A 99 14.61 -1.60 -19.93
N ILE A 100 14.15 -2.79 -20.32
CA ILE A 100 14.24 -4.00 -19.52
C ILE A 100 15.30 -4.89 -20.16
N ASN A 101 16.36 -5.21 -19.43
CA ASN A 101 17.35 -6.17 -19.93
C ASN A 101 16.74 -7.57 -19.99
N VAL A 102 16.86 -8.24 -21.14
CA VAL A 102 16.33 -9.60 -21.29
C VAL A 102 17.42 -10.65 -21.29
N VAL A 103 18.69 -10.23 -21.23
CA VAL A 103 19.83 -11.07 -20.86
C VAL A 103 20.66 -10.26 -19.88
N ASP A 104 21.70 -10.87 -19.32
CA ASP A 104 22.70 -10.11 -18.57
C ASP A 104 23.53 -9.28 -19.55
N ASN A 105 23.34 -7.96 -19.55
CA ASN A 105 24.04 -7.04 -20.45
C ASN A 105 25.17 -6.35 -19.69
N ASP A 106 26.22 -7.14 -19.46
N ASP A 106 26.22 -7.13 -19.43
CA ASP A 106 27.35 -6.69 -18.65
CA ASP A 106 27.33 -6.63 -18.62
C ASP A 106 28.02 -5.45 -19.23
C ASP A 106 27.98 -5.39 -19.23
N PHE A 107 28.01 -5.30 -20.56
CA PHE A 107 28.62 -4.17 -21.24
C PHE A 107 27.89 -2.82 -21.00
N A1ADO A 108 26.69 -2.87 -20.43
CA A1ADO A 108 25.91 -1.65 -20.11
C A1ADO A 108 26.29 -1.08 -18.73
O A1ADO A 108 25.94 0.02 -18.30
CB A1ADO A 108 24.44 -1.96 -20.10
CG A1ADO A 108 23.85 -2.27 -21.44
CD1 A1ADO A 108 22.36 -2.58 -21.25
CD2 A1ADO A 108 24.04 -1.05 -22.36
F2 A1ADO A 108 23.83 -1.35 -23.67
N ASN A 109 27.08 -1.84 -17.97
CA ASN A 109 27.36 -1.51 -16.57
C ASN A 109 28.32 -0.32 -16.37
N PHE A 110 28.03 0.48 -15.35
CA PHE A 110 28.93 1.56 -14.94
C PHE A 110 30.33 1.02 -14.71
N SER A 111 31.33 1.69 -15.28
CA SER A 111 32.71 1.37 -14.99
C SER A 111 33.53 2.59 -14.58
N GLY A 112 33.02 3.80 -14.76
CA GLY A 112 33.74 5.00 -14.36
C GLY A 112 32.94 6.22 -14.75
N GLU A 113 33.21 7.32 -14.04
CA GLU A 113 32.50 8.57 -14.30
C GLU A 113 33.14 9.28 -15.48
N SER A 114 32.78 8.80 -16.67
CA SER A 114 33.32 9.33 -17.90
C SER A 114 32.35 8.97 -19.02
N A1ADO A 115 32.54 9.58 -20.18
CA A1ADO A 115 31.72 9.31 -21.39
C A1ADO A 115 31.44 7.81 -21.60
O A1ADO A 115 30.34 7.38 -21.67
CB A1ADO A 115 32.45 9.85 -22.60
CG A1ADO A 115 32.07 11.27 -22.88
CD1 A1ADO A 115 33.05 11.90 -23.88
CD2 A1ADO A 115 30.64 11.28 -23.45
F2 A1ADO A 115 29.88 12.04 -22.64
N GLN A 116 32.52 7.05 -21.70
CA GLN A 116 32.43 5.63 -22.05
C GLN A 116 32.15 4.75 -20.85
N GLY A 117 32.44 5.25 -19.65
CA GLY A 117 32.34 4.43 -18.45
C GLY A 117 31.01 4.53 -17.74
N TRP A 118 30.25 5.59 -17.99
CA TRP A 118 29.13 5.91 -17.10
C TRP A 118 28.07 4.82 -17.15
N GLY A 119 27.84 4.27 -18.33
CA GLY A 119 26.90 3.18 -18.42
C GLY A 119 25.47 3.60 -18.17
N TYR A 120 24.65 2.61 -17.83
CA TYR A 120 23.20 2.75 -17.82
C TYR A 120 22.65 2.41 -16.44
N CYS A 121 21.84 3.31 -15.90
CA CYS A 121 21.47 3.28 -14.49
C CYS A 121 20.31 2.31 -14.25
N VAL A 122 20.58 1.26 -13.48
CA VAL A 122 19.56 0.30 -13.06
C VAL A 122 18.78 0.88 -11.87
N PHE A 123 17.45 0.87 -11.96
CA PHE A 123 16.62 1.49 -10.94
C PHE A 123 15.43 0.65 -10.51
N ALA A 124 15.24 -0.53 -11.09
CA ALA A 124 14.11 -1.38 -10.72
C ALA A 124 14.34 -2.77 -11.29
N GLU A 125 13.43 -3.68 -10.94
CA GLU A 125 13.52 -5.05 -11.43
C GLU A 125 12.14 -5.65 -11.55
N VAL A 126 11.95 -6.43 -12.62
CA VAL A 126 10.70 -7.17 -12.82
C VAL A 126 10.57 -8.24 -11.75
N VAL A 127 9.45 -8.22 -11.02
CA VAL A 127 9.16 -9.24 -10.02
C VAL A 127 8.04 -10.18 -10.43
N ASP A 128 7.31 -9.87 -11.49
CA ASP A 128 6.26 -10.72 -12.02
C ASP A 128 6.03 -10.28 -13.46
N GLY A 129 5.75 -11.23 -14.33
CA GLY A 129 5.52 -10.90 -15.73
C GLY A 129 6.73 -11.00 -16.63
N MET A 130 7.80 -11.68 -16.19
CA MET A 130 8.93 -11.86 -17.09
C MET A 130 8.52 -12.67 -18.32
N ASP A 131 7.42 -13.43 -18.21
CA ASP A 131 6.88 -14.11 -19.38
C ASP A 131 6.39 -13.11 -20.42
N VAL A 132 5.74 -12.03 -19.97
CA VAL A 132 5.29 -10.99 -20.89
C VAL A 132 6.47 -10.30 -21.55
N VAL A 133 7.52 -10.00 -20.76
CA VAL A 133 8.74 -9.39 -21.30
C VAL A 133 9.36 -10.31 -22.35
N ASP A 134 9.33 -11.63 -22.11
CA ASP A 134 9.93 -12.57 -23.05
C ASP A 134 9.08 -12.72 -24.30
N LYS A 135 7.75 -12.51 -24.22
CA LYS A 135 6.92 -12.42 -25.42
C LYS A 135 7.22 -11.16 -26.23
N ILE A 136 7.30 -10.02 -25.56
CA ILE A 136 7.52 -8.75 -26.26
C ILE A 136 8.87 -8.76 -26.96
N LYS A 137 9.91 -9.28 -26.29
CA LYS A 137 11.25 -9.24 -26.86
C LYS A 137 11.35 -10.04 -28.16
N GLY A 138 10.43 -10.96 -28.40
CA GLY A 138 10.44 -11.82 -29.56
C GLY A 138 9.50 -11.41 -30.68
N VAL A 139 8.82 -10.27 -30.57
CA VAL A 139 7.91 -9.85 -31.66
C VAL A 139 8.71 -9.41 -32.88
N ALA A 140 8.05 -9.43 -34.03
CA ALA A 140 8.64 -8.98 -35.29
C ALA A 140 8.81 -7.47 -35.29
N THR A 141 9.90 -7.00 -35.90
CA THR A 141 10.27 -5.60 -35.88
C THR A 141 10.71 -5.16 -37.27
N GLY A 142 10.84 -3.85 -37.46
CA GLY A 142 11.32 -3.33 -38.72
C GLY A 142 11.69 -1.87 -38.62
N ARG A 143 11.91 -1.25 -39.78
CA ARG A 143 12.30 0.15 -39.82
C ARG A 143 11.07 1.05 -39.74
N SER A 144 11.27 2.26 -39.21
CA SER A 144 10.22 3.27 -39.14
C SER A 144 10.90 4.65 -39.12
N GLY A 145 11.02 5.25 -40.30
CA GLY A 145 11.78 6.48 -40.39
C GLY A 145 13.24 6.21 -40.06
N MET A 146 13.79 7.02 -39.16
CA MET A 146 15.18 6.83 -38.75
C MET A 146 15.33 5.83 -37.60
N HIS A 147 14.29 5.06 -37.31
CA HIS A 147 14.27 4.15 -36.17
C HIS A 147 14.28 2.70 -36.63
N GLN A 148 15.03 1.89 -35.92
CA GLN A 148 15.21 0.48 -36.18
C GLN A 148 14.61 -0.31 -35.03
N ASP A 149 14.30 -1.58 -35.29
CA ASP A 149 13.80 -2.49 -34.28
C ASP A 149 12.46 -2.03 -33.71
N VAL A 150 11.64 -1.43 -34.57
CA VAL A 150 10.32 -0.94 -34.19
C VAL A 150 9.33 -2.08 -34.41
N PRO A 151 8.58 -2.50 -33.39
CA PRO A 151 7.65 -3.62 -33.58
C PRO A 151 6.62 -3.34 -34.67
N LYS A 152 6.46 -4.31 -35.57
CA LYS A 152 5.55 -4.15 -36.71
C LYS A 152 4.11 -3.97 -36.24
N GLU A 153 3.74 -4.64 -35.15
CA GLU A 153 2.50 -4.37 -34.42
C GLU A 153 2.84 -3.69 -33.11
N ASP A 154 2.09 -2.64 -32.78
CA ASP A 154 2.44 -1.85 -31.62
C ASP A 154 2.37 -2.69 -30.37
N VAL A 155 3.41 -2.61 -29.55
CA VAL A 155 3.43 -3.14 -28.20
C VAL A 155 3.13 -1.94 -27.32
N ILE A 156 1.91 -1.86 -26.81
CA ILE A 156 1.41 -0.63 -26.19
C ILE A 156 1.43 -0.79 -24.67
N ILE A 157 2.00 0.19 -23.99
CA ILE A 157 1.80 0.35 -22.55
C ILE A 157 0.47 1.07 -22.41
N GLU A 158 -0.59 0.34 -22.08
CA GLU A 158 -1.89 0.97 -21.97
C GLU A 158 -1.95 1.92 -20.78
N SER A 159 -1.34 1.53 -19.66
CA SER A 159 -1.36 2.36 -18.46
C SER A 159 -0.47 1.73 -17.39
N VAL A 160 -0.31 2.46 -16.30
CA VAL A 160 0.53 2.02 -15.20
C VAL A 160 -0.24 2.18 -13.91
N THR A 161 -0.16 1.18 -13.04
CA THR A 161 -0.76 1.22 -11.71
C THR A 161 0.35 1.11 -10.68
N VAL A 162 0.25 1.92 -9.63
CA VAL A 162 1.22 1.95 -8.55
C VAL A 162 0.62 1.23 -7.35
N SER A 163 1.42 0.40 -6.69
CA SER A 163 1.03 -0.33 -5.48
C SER A 163 1.93 0.07 -4.34
N GLU A 164 1.33 0.38 -3.19
CA GLU A 164 2.06 0.74 -1.96
C GLU A 164 1.45 0.06 -0.74
N FME B 1 -7.21 1.44 0.38
CN FME B 1 -8.40 0.93 0.88
O1 FME B 1 -9.42 1.60 1.19
CA FME B 1 -6.93 2.83 0.09
CB FME B 1 -5.83 3.41 0.99
CG FME B 1 -5.81 4.90 0.93
SD FME B 1 -6.93 5.45 2.21
CE FME B 1 -5.98 5.03 3.61
C FME B 1 -6.49 3.04 -1.37
O FME B 1 -5.56 2.42 -1.90
N VAL B 2 -7.18 3.96 -2.03
CA VAL B 2 -6.97 4.18 -3.44
C VAL B 2 -6.87 5.68 -3.72
N THR B 3 -5.93 6.05 -4.59
CA THR B 3 -5.73 7.44 -4.99
C THR B 3 -5.92 7.51 -6.49
N PHE B 4 -6.86 8.34 -6.93
CA PHE B 4 -7.02 8.66 -8.34
C PHE B 4 -6.14 9.87 -8.66
N HIS B 5 -5.11 9.64 -9.47
CA HIS B 5 -4.26 10.74 -9.96
C HIS B 5 -4.93 11.33 -11.19
N THR B 6 -5.71 12.38 -10.99
CA THR B 6 -6.40 13.03 -12.10
C THR B 6 -5.59 14.23 -12.60
N ASN B 7 -5.91 14.67 -13.83
CA ASN B 7 -5.21 15.85 -14.33
C ASN B 7 -5.68 17.16 -13.66
N HIS B 8 -6.49 17.04 -12.61
CA HIS B 8 -6.89 18.15 -11.75
C HIS B 8 -6.42 17.98 -10.32
N GLY B 9 -5.65 16.93 -10.02
CA GLY B 9 -5.19 16.65 -8.68
C GLY B 9 -5.59 15.27 -8.21
N ASP B 10 -5.11 14.93 -7.01
CA ASP B 10 -5.30 13.61 -6.44
C ASP B 10 -6.58 13.53 -5.63
N ILE B 11 -7.29 12.41 -5.75
CA ILE B 11 -8.48 12.11 -4.94
C ILE B 11 -8.18 10.84 -4.16
N VAL B 12 -8.08 10.94 -2.83
CA VAL B 12 -7.77 9.79 -1.98
C VAL B 12 -9.05 9.26 -1.37
N ILE B 13 -9.24 7.94 -1.45
CA ILE B 13 -10.50 7.25 -1.16
CA ILE B 13 -10.50 7.33 -1.05
C ILE B 13 -10.22 6.06 -0.24
N LYS B 14 -11.08 5.85 0.75
CA LYS B 14 -11.03 4.67 1.62
C LYS B 14 -12.27 3.84 1.33
N THR B 15 -12.09 2.54 1.18
CA THR B 15 -13.17 1.63 0.84
C THR B 15 -13.89 1.12 2.09
N PHE B 16 -15.16 0.82 1.91
CA PHE B 16 -16.00 0.28 2.98
C PHE B 16 -16.12 -1.24 2.86
N ASP B 17 -14.98 -1.93 3.00
CA ASP B 17 -14.93 -3.37 2.71
C ASP B 17 -15.96 -4.18 3.48
N ASP B 18 -16.23 -3.82 4.74
CA ASP B 18 -17.22 -4.57 5.51
C ASP B 18 -18.64 -4.36 4.98
N LYS B 19 -18.99 -3.12 4.60
CA LYS B 19 -20.37 -2.83 4.25
C LYS B 19 -20.72 -3.12 2.80
N ALA B 20 -19.74 -3.12 1.90
CA ALA B 20 -19.98 -3.46 0.50
C ALA B 20 -18.89 -4.40 0.02
N PRO B 21 -18.85 -5.64 0.53
CA PRO B 21 -17.73 -6.53 0.19
C PRO B 21 -17.63 -6.87 -1.30
N GLU B 22 -18.76 -7.11 -1.96
CA GLU B 22 -18.72 -7.41 -3.39
C GLU B 22 -18.38 -6.17 -4.20
N THR B 23 -18.94 -5.01 -3.81
CA THR B 23 -18.67 -3.78 -4.54
C THR B 23 -17.22 -3.36 -4.40
N VAL B 24 -16.66 -3.46 -3.19
CA VAL B 24 -15.27 -3.05 -2.99
C VAL B 24 -14.32 -4.00 -3.71
N LYS B 25 -14.64 -5.29 -3.73
CA LYS B 25 -13.80 -6.24 -4.48
C LYS B 25 -13.78 -5.92 -5.96
N ASN B 26 -14.96 -5.66 -6.52
CA ASN B 26 -15.09 -5.32 -7.94
C ASN B 26 -14.29 -4.06 -8.26
N PHE B 27 -14.41 -3.04 -7.42
CA PHE B 27 -13.77 -1.73 -7.58
C PHE B 27 -12.25 -1.83 -7.48
N A1ADO B 28 -11.78 -2.54 -6.47
CA A1ADO B 28 -10.26 -2.78 -6.12
C A1ADO B 28 -9.75 -3.59 -7.40
O A1ADO B 28 -8.68 -3.29 -7.83
CB A1ADO B 28 -10.04 -3.38 -4.79
CG A1ADO B 28 -10.52 -2.54 -3.64
CD1 A1ADO B 28 -10.02 -3.16 -2.33
CD2 A1ADO B 28 -9.99 -1.11 -3.81
F2 A1ADO B 28 -8.65 -1.12 -3.91
N ASP B 29 -10.54 -4.52 -7.94
CA ASP B 29 -10.03 -5.33 -9.04
C ASP B 29 -9.89 -4.48 -10.31
N TYR B 30 -10.87 -3.61 -10.55
CA TYR B 30 -10.73 -2.68 -11.67
C TYR B 30 -9.52 -1.77 -11.47
N CYS B 31 -9.32 -1.31 -10.23
CA CYS B 31 -8.21 -0.39 -9.94
C CYS B 31 -6.87 -1.07 -10.20
N ARG B 32 -6.67 -2.26 -9.65
CA ARG B 32 -5.39 -2.93 -9.75
C ARG B 32 -5.12 -3.40 -11.17
N GLU B 33 -6.15 -3.71 -11.94
CA GLU B 33 -5.95 -4.15 -13.32
C GLU B 33 -5.72 -3.00 -14.29
N GLY B 34 -5.76 -1.75 -13.81
CA GLY B 34 -5.51 -0.59 -14.64
C GLY B 34 -6.73 -0.10 -15.39
N PHE B 35 -7.91 -0.62 -15.06
CA PHE B 35 -9.12 -0.32 -15.84
C PHE B 35 -9.44 1.18 -15.83
N TYR B 36 -9.32 1.83 -14.68
CA TYR B 36 -9.71 3.23 -14.57
C TYR B 36 -8.66 4.18 -15.13
N ASN B 37 -7.43 3.70 -15.37
CA ASN B 37 -6.41 4.56 -15.98
C ASN B 37 -6.86 4.99 -17.37
N ASN B 38 -6.75 6.30 -17.63
CA ASN B 38 -7.14 6.92 -18.89
C ASN B 38 -8.65 6.81 -19.15
N THR B 39 -9.44 6.69 -18.08
CA THR B 39 -10.86 6.94 -18.18
C THR B 39 -11.14 8.35 -17.67
N ILE B 40 -12.29 8.87 -18.08
CA ILE B 40 -12.66 10.25 -17.82
C ILE B 40 -13.85 10.30 -16.87
N PHE B 41 -14.05 11.48 -16.31
CA PHE B 41 -15.31 11.83 -15.65
C PHE B 41 -16.19 12.37 -16.76
N HIS B 42 -16.98 11.48 -17.35
CA HIS B 42 -17.78 11.81 -18.52
C HIS B 42 -19.14 12.41 -18.19
N ARG B 43 -19.56 12.41 -16.92
CA ARG B 43 -20.88 12.94 -16.55
C ARG B 43 -20.73 13.76 -15.28
N VAL B 44 -20.80 15.07 -15.43
CA VAL B 44 -20.44 16.01 -14.37
C VAL B 44 -21.60 16.98 -14.22
N ILE B 45 -22.23 16.98 -13.04
CA ILE B 45 -23.39 17.80 -12.78
C ILE B 45 -23.12 18.49 -11.44
N ASN B 46 -22.80 19.78 -11.50
CA ASN B 46 -22.58 20.57 -10.28
C ASN B 46 -23.82 20.52 -9.41
N GLY B 47 -23.61 20.44 -8.09
CA GLY B 47 -24.72 20.35 -7.18
C GLY B 47 -25.34 18.97 -7.10
N PHE B 48 -24.71 17.97 -7.70
CA PHE B 48 -25.24 16.61 -7.75
C PHE B 48 -24.08 15.63 -7.51
N MET B 49 -23.26 15.42 -8.53
CA MET B 49 -22.29 14.33 -8.52
C MET B 49 -21.42 14.41 -9.77
N ILE B 50 -20.22 13.81 -9.67
CA ILE B 50 -19.32 13.60 -10.81
C ILE B 50 -19.14 12.10 -10.98
N GLN B 51 -19.28 11.62 -12.21
CA GLN B 51 -19.35 10.21 -12.54
C GLN B 51 -18.28 9.85 -13.56
N GLY B 52 -17.62 8.72 -13.36
CA GLY B 52 -16.54 8.29 -14.22
C GLY B 52 -16.32 6.79 -14.25
N GLY B 53 -15.16 6.35 -14.69
CA GLY B 53 -14.87 4.93 -14.68
C GLY B 53 -15.47 4.11 -15.80
N GLY B 54 -15.78 4.73 -16.93
CA GLY B 54 -16.37 3.93 -18.00
C GLY B 54 -15.91 4.24 -19.40
N PHE B 55 -15.44 5.46 -19.65
CA PHE B 55 -15.14 5.91 -21.00
C PHE B 55 -13.73 6.47 -21.06
N GLU B 56 -13.08 6.21 -22.16
CA GLU B 56 -11.82 6.82 -22.52
C GLU B 56 -12.09 8.13 -23.24
N PRO B 57 -11.08 9.02 -23.31
CA PRO B 57 -11.28 10.28 -24.05
C PRO B 57 -11.78 10.02 -25.46
N GLY B 58 -12.71 10.86 -25.91
CA GLY B 58 -13.47 10.61 -27.12
C GLY B 58 -14.74 9.80 -26.90
N MET B 59 -15.06 9.44 -25.65
CA MET B 59 -16.26 8.69 -25.27
C MET B 59 -16.24 7.26 -25.84
N LYS B 60 -15.07 6.63 -25.85
CA LYS B 60 -14.96 5.23 -26.25
C LYS B 60 -15.22 4.38 -25.00
N GLN B 61 -16.32 3.65 -24.99
CA GLN B 61 -16.70 2.89 -23.80
C GLN B 61 -15.85 1.63 -23.64
N LYS B 62 -15.26 1.45 -22.47
CA LYS B 62 -14.43 0.28 -22.22
C LYS B 62 -15.31 -0.94 -22.00
N ALA B 63 -14.83 -2.09 -22.47
CA ALA B 63 -15.49 -3.35 -22.15
C ALA B 63 -15.36 -3.65 -20.66
N THR B 64 -16.43 -4.18 -20.05
CA THR B 64 -16.44 -4.43 -18.62
C THR B 64 -16.70 -5.91 -18.34
N LYS B 65 -16.53 -6.29 -17.07
CA LYS B 65 -16.91 -7.62 -16.60
C LYS B 65 -18.41 -7.68 -16.29
N GLU B 66 -18.88 -8.87 -15.96
CA GLU B 66 -20.27 -9.08 -15.61
C GLU B 66 -20.68 -8.13 -14.49
N PRO B 67 -21.93 -7.64 -14.49
CA PRO B 67 -22.35 -6.68 -13.46
C PRO B 67 -22.37 -7.30 -12.07
N ILE B 68 -22.45 -6.42 -11.07
CA ILE B 68 -22.31 -6.81 -9.67
C ILE B 68 -23.63 -6.59 -8.93
N LYS B 69 -23.75 -7.29 -7.82
CA LYS B 69 -24.90 -7.15 -6.93
C LYS B 69 -24.92 -5.77 -6.29
N ASN B 70 -26.12 -5.19 -6.24
CA ASN B 70 -26.36 -3.92 -5.59
C ASN B 70 -26.36 -4.15 -4.08
N GLU B 71 -25.39 -3.57 -3.38
CA GLU B 71 -25.28 -3.72 -1.93
C GLU B 71 -25.77 -2.50 -1.17
N ALA B 72 -26.63 -1.68 -1.78
CA ALA B 72 -27.12 -0.46 -1.13
C ALA B 72 -27.94 -0.74 0.12
N ASN B 73 -28.45 -1.96 0.27
CA ASN B 73 -29.18 -2.38 1.46
C ASN B 73 -28.26 -2.41 2.68
N ASN B 74 -27.06 -1.85 2.56
CA ASN B 74 -26.12 -1.79 3.68
C ASN B 74 -26.42 -0.64 4.62
N GLY B 75 -27.36 0.22 4.29
CA GLY B 75 -27.72 1.32 5.18
C GLY B 75 -26.86 2.58 5.04
N A1ADO B 76 -25.80 2.54 4.26
CA A1ADO B 76 -24.92 3.73 4.13
C A1ADO B 76 -25.58 4.77 3.23
O A1ADO B 76 -26.09 4.43 2.21
CB A1ADO B 76 -23.58 3.37 3.57
CG A1ADO B 76 -22.80 2.47 4.48
CD1 A1ADO B 76 -21.46 2.15 3.84
CD2 A1ADO B 76 -22.54 3.22 5.78
F2 A1ADO B 76 -22.50 2.28 6.74
N LYS B 77 -25.55 6.04 3.65
CA LYS B 77 -26.20 7.14 2.91
C LYS B 77 -25.26 7.83 1.94
N ASN B 78 -25.85 8.35 0.85
CA ASN B 78 -25.11 9.02 -0.22
C ASN B 78 -24.76 10.46 0.18
N THR B 79 -23.98 10.56 1.26
CA THR B 79 -23.57 11.86 1.76
C THR B 79 -22.42 12.41 0.92
N ARG B 80 -22.25 13.74 0.99
CA ARG B 80 -21.19 14.41 0.25
C ARG B 80 -19.85 13.75 0.52
N GLY B 81 -19.11 13.46 -0.56
CA GLY B 81 -17.82 12.83 -0.46
C GLY B 81 -17.84 11.31 -0.63
N THR B 82 -19.00 10.66 -0.44
CA THR B 82 -19.08 9.22 -0.70
C THR B 82 -19.05 8.82 -2.19
N A1ADO B 83 -18.53 7.62 -2.43
CA A1ADO B 83 -18.33 6.93 -3.79
CA A1ADO B 83 -18.29 6.89 -3.77
C A1ADO B 83 -19.68 6.01 -3.80
O A1ADO B 83 -20.01 5.23 -2.91
CB A1ADO B 83 -17.05 6.29 -4.15
CB A1ADO B 83 -17.07 6.06 -3.92
CG A1ADO B 83 -16.13 7.40 -4.55
CG A1ADO B 83 -15.92 6.84 -4.50
CD1 A1ADO B 83 -15.43 7.95 -3.31
CD1 A1ADO B 83 -16.29 7.21 -5.93
CD2 A1ADO B 83 -15.16 6.85 -5.59
CD2 A1ADO B 83 -15.71 8.11 -3.67
F2 A1ADO B 83 -14.67 5.70 -5.10
F2 A1ADO B 83 -15.23 7.76 -2.46
N ALA B 84 -20.42 6.00 -4.90
CA ALA B 84 -21.44 4.96 -5.09
C ALA B 84 -21.35 4.44 -6.51
N MET B 85 -22.02 3.32 -6.81
CA MET B 85 -21.98 2.76 -8.16
C MET B 85 -23.11 3.32 -9.03
N ALA B 86 -22.73 3.78 -10.22
CA ALA B 86 -23.71 4.05 -11.26
C ALA B 86 -24.23 2.74 -11.83
N ARG B 87 -25.40 2.79 -12.46
CA ARG B 87 -26.07 1.59 -12.94
C ARG B 87 -27.24 2.01 -13.81
N THR B 88 -27.76 1.05 -14.58
CA THR B 88 -28.99 1.29 -15.33
C THR B 88 -30.17 1.12 -14.37
N GLN B 89 -31.40 1.12 -14.89
CA GLN B 89 -32.56 0.97 -14.01
C GLN B 89 -32.61 -0.42 -13.37
N ALA B 90 -31.92 -1.41 -13.92
CA ALA B 90 -31.82 -2.71 -13.27
C ALA B 90 -30.92 -2.57 -12.04
N PRO B 91 -31.40 -2.90 -10.84
CA PRO B 91 -30.58 -2.64 -9.64
C PRO B 91 -29.22 -3.32 -9.65
N HIS B 92 -29.09 -4.50 -10.24
CA HIS B 92 -27.81 -5.20 -10.24
C HIS B 92 -27.08 -5.10 -11.58
N SER B 93 -27.07 -3.92 -12.19
CA SER B 93 -26.41 -3.73 -13.48
C SER B 93 -25.11 -2.95 -13.37
N ALA B 94 -24.67 -2.57 -12.17
CA ALA B 94 -23.42 -1.82 -12.04
C ALA B 94 -22.24 -2.65 -12.53
N THR B 95 -21.31 -1.97 -13.20
CA THR B 95 -20.11 -2.65 -13.68
C THR B 95 -18.88 -1.92 -13.17
N ALA B 96 -18.31 -1.04 -13.99
CA ALA B 96 -17.15 -0.27 -13.57
C ALA B 96 -17.46 1.17 -13.15
N GLN B 97 -18.59 1.73 -13.57
CA GLN B 97 -18.83 3.16 -13.42
C GLN B 97 -19.25 3.51 -12.01
N PHE B 98 -18.68 4.60 -11.51
CA PHE B 98 -18.93 5.07 -10.16
C PHE B 98 -19.15 6.57 -10.21
N PHE B 99 -19.60 7.13 -9.08
CA PHE B 99 -19.72 8.57 -8.99
C PHE B 99 -19.42 9.02 -7.56
N ILE B 100 -19.04 10.29 -7.41
CA ILE B 100 -18.77 10.90 -6.11
C ILE B 100 -19.86 11.92 -5.84
N ASN B 101 -20.61 11.74 -4.76
CA ASN B 101 -21.62 12.73 -4.40
C ASN B 101 -20.94 14.02 -3.95
N VAL B 102 -21.37 15.15 -4.52
CA VAL B 102 -20.79 16.44 -4.15
C VAL B 102 -21.74 17.23 -3.26
N VAL B 103 -22.97 16.76 -3.05
CA VAL B 103 -23.84 17.15 -1.96
C VAL B 103 -24.39 15.87 -1.34
N ASP B 104 -25.11 16.03 -0.23
CA ASP B 104 -25.89 14.92 0.32
C ASP B 104 -27.03 14.65 -0.66
N ASN B 105 -27.00 13.48 -1.31
CA ASN B 105 -28.02 13.08 -2.26
C ASN B 105 -28.92 12.02 -1.61
N ASP B 106 -29.69 12.43 -0.60
CA ASP B 106 -30.55 11.52 0.13
C ASP B 106 -31.52 10.77 -0.80
N PHE B 107 -31.88 11.37 -1.93
CA PHE B 107 -32.81 10.73 -2.85
C PHE B 107 -32.18 9.54 -3.58
N A1ADO B 108 -30.86 9.42 -3.51
CA A1ADO B 108 -30.12 8.22 -4.03
C A1ADO B 108 -30.16 7.02 -3.06
O A1ADO B 108 -29.84 5.94 -3.43
CB A1ADO B 108 -28.69 8.58 -4.32
CG A1ADO B 108 -28.55 9.56 -5.47
CD1 A1ADO B 108 -27.10 9.66 -5.90
CD2 A1ADO B 108 -29.36 9.02 -6.66
F2 A1ADO B 108 -29.08 9.76 -7.75
N ASN B 109 -30.56 7.28 -1.82
CA ASN B 109 -30.52 6.27 -0.76
C ASN B 109 -31.53 5.11 -0.88
N PHE B 110 -31.04 3.91 -0.57
CA PHE B 110 -31.87 2.72 -0.48
C PHE B 110 -32.99 2.93 0.52
N SER B 111 -34.21 2.55 0.12
CA SER B 111 -35.33 2.46 1.05
C SER B 111 -36.06 1.11 1.02
N GLY B 112 -35.85 0.29 0.00
CA GLY B 112 -36.49 -1.01 -0.09
C GLY B 112 -35.92 -1.74 -1.28
N GLU B 113 -36.02 -3.08 -1.22
CA GLU B 113 -35.49 -3.95 -2.27
C GLU B 113 -36.50 -4.06 -3.41
N SER B 114 -36.57 -3.01 -4.22
CA SER B 114 -37.48 -2.94 -5.36
C SER B 114 -36.86 -2.05 -6.43
N A1ADO B 115 -37.57 -1.87 -7.55
CA A1ADO B 115 -37.07 -1.01 -8.63
C A1ADO B 115 -36.98 0.44 -8.14
O A1ADO B 115 -35.96 1.04 -8.19
CB A1ADO B 115 -37.96 -1.09 -9.83
CG A1ADO B 115 -37.41 -1.93 -10.96
CD1 A1ADO B 115 -36.29 -1.17 -11.68
CD2 A1ADO B 115 -36.85 -3.27 -10.45
F2 A1ADO B 115 -37.78 -4.24 -10.62
N GLN B 116 -38.11 0.95 -7.65
CA GLN B 116 -38.21 2.29 -7.08
C GLN B 116 -37.18 2.63 -6.00
N GLY B 117 -36.98 1.72 -5.05
CA GLY B 117 -36.26 2.05 -3.84
C GLY B 117 -34.90 1.41 -3.63
N TRP B 118 -34.36 0.67 -4.62
CA TRP B 118 -33.07 0.02 -4.43
C TRP B 118 -31.94 1.03 -4.25
N GLY B 119 -32.03 2.18 -4.90
CA GLY B 119 -31.03 3.19 -4.69
C GLY B 119 -29.65 2.79 -5.18
N TYR B 120 -28.67 3.57 -4.76
CA TYR B 120 -27.30 3.50 -5.26
C TYR B 120 -26.35 3.16 -4.12
N CYS B 121 -25.51 2.16 -4.35
CA CYS B 121 -24.73 1.55 -3.28
C CYS B 121 -23.49 2.36 -2.98
N VAL B 122 -23.40 2.87 -1.76
CA VAL B 122 -22.21 3.54 -1.24
C VAL B 122 -21.19 2.48 -0.84
N PHE B 123 -19.96 2.61 -1.34
CA PHE B 123 -18.92 1.64 -1.06
C PHE B 123 -17.59 2.25 -0.65
N ALA B 124 -17.49 3.57 -0.58
CA ALA B 124 -16.22 4.23 -0.29
C ALA B 124 -16.48 5.68 0.07
N GLU B 125 -15.43 6.38 0.49
CA GLU B 125 -15.54 7.81 0.75
C GLU B 125 -14.20 8.48 0.49
N VAL B 126 -14.27 9.72 -0.01
CA VAL B 126 -13.10 10.57 -0.19
C VAL B 126 -12.57 11.00 1.17
N VAL B 127 -11.30 10.71 1.44
CA VAL B 127 -10.67 11.10 2.70
C VAL B 127 -9.69 12.23 2.53
N ASP B 128 -9.30 12.55 1.30
CA ASP B 128 -8.44 13.67 1.01
C ASP B 128 -8.63 14.04 -0.46
N GLY B 129 -8.59 15.33 -0.76
CA GLY B 129 -8.78 15.78 -2.12
C GLY B 129 -10.20 16.15 -2.49
N MET B 130 -11.08 16.42 -1.52
CA MET B 130 -12.39 16.94 -1.86
C MET B 130 -12.29 18.26 -2.62
N ASP B 131 -11.19 19.00 -2.43
CA ASP B 131 -10.94 20.22 -3.20
CA ASP B 131 -11.02 20.23 -3.21
C ASP B 131 -10.81 19.91 -4.68
N VAL B 132 -10.22 18.75 -4.99
CA VAL B 132 -10.10 18.34 -6.38
C VAL B 132 -11.46 17.95 -6.92
N VAL B 133 -12.22 17.18 -6.15
CA VAL B 133 -13.60 16.86 -6.51
C VAL B 133 -14.39 18.15 -6.72
N ASP B 134 -14.22 19.11 -5.82
CA ASP B 134 -14.97 20.36 -5.96
C ASP B 134 -14.53 21.14 -7.20
N LYS B 135 -13.28 20.98 -7.65
CA LYS B 135 -12.85 21.66 -8.85
C LYS B 135 -13.40 20.98 -10.08
N ILE B 136 -13.43 19.63 -10.07
CA ILE B 136 -13.96 18.86 -11.19
C ILE B 136 -15.44 19.14 -11.41
N LYS B 137 -16.23 19.17 -10.33
CA LYS B 137 -17.67 19.38 -10.45
C LYS B 137 -18.06 20.70 -11.11
N GLY B 138 -17.16 21.69 -11.14
CA GLY B 138 -17.47 22.98 -11.69
C GLY B 138 -16.97 23.24 -13.10
N VAL B 139 -16.48 22.23 -13.79
CA VAL B 139 -15.99 22.44 -15.15
C VAL B 139 -17.17 22.59 -16.11
N ALA B 140 -16.89 23.21 -17.25
CA ALA B 140 -17.92 23.39 -18.27
C ALA B 140 -18.25 22.08 -18.96
N THR B 141 -19.56 21.85 -19.19
CA THR B 141 -20.05 20.63 -19.79
C THR B 141 -20.93 20.91 -21.00
N GLY B 142 -21.22 19.86 -21.76
CA GLY B 142 -22.15 19.99 -22.85
C GLY B 142 -22.46 18.63 -23.44
N ARG B 143 -23.13 18.67 -24.59
CA ARG B 143 -23.53 17.47 -25.31
C ARG B 143 -22.32 16.83 -26.00
N SER B 144 -22.25 15.51 -25.96
CA SER B 144 -21.30 14.76 -26.79
C SER B 144 -22.05 13.54 -27.31
N GLY B 145 -22.49 13.61 -28.56
CA GLY B 145 -23.39 12.60 -29.08
C GLY B 145 -24.61 12.49 -28.18
N MET B 146 -24.99 11.25 -27.84
CA MET B 146 -26.14 10.99 -26.99
C MET B 146 -25.91 11.36 -25.54
N HIS B 147 -24.67 11.67 -25.15
CA HIS B 147 -24.33 11.94 -23.76
C HIS B 147 -24.45 13.42 -23.45
N GLN B 148 -25.03 13.70 -22.28
CA GLN B 148 -25.19 15.04 -21.74
C GLN B 148 -24.23 15.24 -20.58
N ASP B 149 -23.95 16.50 -20.27
CA ASP B 149 -23.11 16.85 -19.12
C ASP B 149 -21.69 16.27 -19.25
N VAL B 150 -21.21 16.18 -20.47
CA VAL B 150 -19.84 15.76 -20.74
C VAL B 150 -18.92 16.97 -20.59
N PRO B 151 -17.89 16.90 -19.76
CA PRO B 151 -16.92 17.99 -19.71
C PRO B 151 -16.33 18.32 -21.08
N LYS B 152 -16.21 19.62 -21.36
CA LYS B 152 -15.73 20.10 -22.65
C LYS B 152 -14.25 19.81 -22.84
N GLU B 153 -13.46 19.99 -21.77
CA GLU B 153 -12.07 19.52 -21.70
C GLU B 153 -12.03 18.28 -20.82
N ASP B 154 -11.35 17.23 -21.29
CA ASP B 154 -11.38 15.94 -20.62
C ASP B 154 -10.82 16.04 -19.19
N VAL B 155 -11.54 15.45 -18.24
CA VAL B 155 -11.08 15.24 -16.87
C VAL B 155 -10.66 13.78 -16.78
N ILE B 156 -9.36 13.52 -16.72
CA ILE B 156 -8.79 12.19 -16.92
C ILE B 156 -8.23 11.68 -15.60
N ILE B 157 -8.58 10.44 -15.25
CA ILE B 157 -7.84 9.66 -14.24
C ILE B 157 -6.57 9.20 -14.94
N GLU B 158 -5.46 9.86 -14.66
N GLU B 158 -5.45 9.85 -14.66
CA GLU B 158 -4.20 9.54 -15.34
CA GLU B 158 -4.20 9.53 -15.36
C GLU B 158 -3.64 8.21 -14.86
C GLU B 158 -3.59 8.23 -14.85
N SER B 159 -3.69 7.96 -13.55
CA SER B 159 -3.23 6.68 -13.01
C SER B 159 -3.88 6.49 -11.65
N VAL B 160 -3.64 5.33 -11.06
CA VAL B 160 -4.22 4.97 -9.76
C VAL B 160 -3.10 4.40 -8.89
N THR B 161 -3.10 4.76 -7.62
CA THR B 161 -2.25 4.15 -6.61
C THR B 161 -3.14 3.38 -5.65
N VAL B 162 -2.87 2.07 -5.51
CA VAL B 162 -3.53 1.21 -4.53
C VAL B 162 -2.58 1.00 -3.35
N SER B 163 -2.98 1.45 -2.16
CA SER B 163 -2.15 1.43 -0.95
C SER B 163 -2.69 0.40 0.03
N GLU B 164 -1.79 -0.31 0.71
CA GLU B 164 -2.21 -1.18 1.81
C GLU B 164 -1.43 -0.93 3.09
N FME C 1 14.84 -11.34 -6.42
CN FME C 1 16.14 -11.23 -6.91
O1 FME C 1 17.00 -10.40 -6.53
CA FME C 1 14.33 -10.45 -5.41
CB FME C 1 13.29 -9.48 -5.98
CG FME C 1 13.21 -8.23 -5.16
SD FME C 1 13.64 -6.93 -6.26
CE FME C 1 15.24 -7.41 -6.82
C FME C 1 13.67 -11.12 -4.19
O FME C 1 12.82 -12.02 -4.25
N VAL C 2 14.07 -10.60 -3.03
CA VAL C 2 13.61 -11.09 -1.76
C VAL C 2 13.22 -9.90 -0.87
N THR C 3 12.05 -9.96 -0.24
CA THR C 3 11.60 -8.94 0.70
C THR C 3 11.43 -9.56 2.07
N PHE C 4 12.16 -9.05 3.05
CA PHE C 4 11.89 -9.36 4.45
C PHE C 4 10.74 -8.50 4.93
N HIS C 5 9.65 -9.15 5.36
CA HIS C 5 8.54 -8.41 5.96
C HIS C 5 8.73 -8.39 7.48
N THR C 6 9.34 -7.32 7.99
CA THR C 6 9.66 -7.23 9.41
C THR C 6 8.61 -6.41 10.15
N ASN C 7 8.64 -6.51 11.49
CA ASN C 7 7.72 -5.72 12.29
C ASN C 7 8.10 -4.26 12.36
N HIS C 8 9.16 -3.84 11.64
CA HIS C 8 9.50 -2.44 11.46
C HIS C 8 9.35 -1.98 10.01
N GLY C 9 8.87 -2.84 9.12
CA GLY C 9 8.78 -2.52 7.70
C GLY C 9 9.50 -3.52 6.83
N ASP C 10 9.49 -3.22 5.52
CA ASP C 10 10.01 -4.11 4.50
C ASP C 10 11.47 -3.80 4.19
N ILE C 11 12.28 -4.85 4.10
CA ILE C 11 13.64 -4.75 3.59
C ILE C 11 13.66 -5.51 2.26
N VAL C 12 13.88 -4.78 1.18
CA VAL C 12 13.84 -5.34 -0.18
C VAL C 12 15.28 -5.54 -0.65
N ILE C 13 15.58 -6.76 -1.11
CA ILE C 13 16.95 -7.21 -1.37
C ILE C 13 17.08 -7.74 -2.80
N LYS C 14 18.14 -7.32 -3.49
CA LYS C 14 18.51 -7.86 -4.80
C LYS C 14 19.69 -8.81 -4.63
N THR C 15 19.53 -10.06 -5.09
CA THR C 15 20.57 -11.06 -4.94
C THR C 15 21.54 -11.04 -6.13
N PHE C 16 22.79 -11.42 -5.84
CA PHE C 16 23.85 -11.47 -6.86
C PHE C 16 24.12 -12.92 -7.24
N ASP C 17 23.18 -13.50 -8.00
CA ASP C 17 23.17 -14.95 -8.23
C ASP C 17 24.45 -15.45 -8.87
N ASP C 18 24.89 -14.82 -9.96
CA ASP C 18 26.08 -15.34 -10.62
C ASP C 18 27.37 -14.98 -9.88
N LYS C 19 27.35 -13.99 -8.99
CA LYS C 19 28.54 -13.64 -8.22
C LYS C 19 28.73 -14.53 -6.99
N ALA C 20 27.67 -15.15 -6.49
CA ALA C 20 27.75 -16.02 -5.32
C ALA C 20 26.70 -17.10 -5.47
N PRO C 21 26.86 -17.97 -6.48
CA PRO C 21 25.76 -18.92 -6.79
C PRO C 21 25.38 -19.82 -5.64
N GLU C 22 26.37 -20.41 -4.95
CA GLU C 22 26.03 -21.32 -3.85
C GLU C 22 25.42 -20.56 -2.68
N THR C 23 25.93 -19.36 -2.41
CA THR C 23 25.38 -18.57 -1.32
C THR C 23 23.95 -18.13 -1.62
N VAL C 24 23.69 -17.71 -2.86
CA VAL C 24 22.35 -17.22 -3.19
C VAL C 24 21.35 -18.37 -3.19
N LYS C 25 21.76 -19.53 -3.73
CA LYS C 25 20.85 -20.68 -3.74
C LYS C 25 20.49 -21.10 -2.32
N ASN C 26 21.48 -21.09 -1.41
CA ASN C 26 21.25 -21.50 -0.02
C ASN C 26 20.31 -20.54 0.69
N PHE C 27 20.46 -19.26 0.44
CA PHE C 27 19.63 -18.21 1.04
C PHE C 27 18.20 -18.25 0.51
N A1ADO C 28 18.07 -18.41 -0.81
CA A1ADO C 28 16.73 -18.51 -1.41
C A1ADO C 28 16.04 -19.81 -0.94
O A1ADO C 28 14.90 -19.80 -0.69
CB A1ADO C 28 16.81 -18.47 -2.93
CG A1ADO C 28 17.46 -17.26 -3.56
CD1 A1ADO C 28 17.27 -17.33 -5.07
CD2 A1ADO C 28 16.83 -15.94 -3.04
F2 A1ADO C 28 15.47 -16.06 -3.04
N ASP C 29 16.80 -20.90 -0.82
CA ASP C 29 16.22 -22.13 -0.27
C ASP C 29 15.60 -21.86 1.09
N TYR C 30 16.36 -21.21 1.99
CA TYR C 30 15.83 -20.92 3.32
C TYR C 30 14.63 -19.99 3.25
N CYS C 31 14.68 -18.99 2.36
CA CYS C 31 13.59 -18.04 2.21
C CYS C 31 12.31 -18.75 1.78
N ARG C 32 12.35 -19.47 0.65
CA ARG C 32 11.13 -20.08 0.11
C ARG C 32 10.55 -21.10 1.07
N GLU C 33 11.39 -21.90 1.73
CA GLU C 33 10.95 -22.91 2.68
C GLU C 33 10.31 -22.34 3.94
N GLY C 34 10.35 -21.02 4.15
CA GLY C 34 9.82 -20.45 5.37
C GLY C 34 10.77 -20.41 6.54
N PHE C 35 12.05 -20.72 6.33
CA PHE C 35 12.98 -20.83 7.44
C PHE C 35 13.13 -19.51 8.19
N TYR C 36 13.08 -18.38 7.48
CA TYR C 36 13.32 -17.10 8.12
C TYR C 36 12.06 -16.51 8.76
N ASN C 37 10.89 -17.14 8.52
CA ASN C 37 9.65 -16.67 9.11
C ASN C 37 9.73 -16.78 10.63
N ASN C 38 9.36 -15.69 11.31
CA ASN C 38 9.44 -15.62 12.75
C ASN C 38 10.87 -15.85 13.28
N THR C 39 11.86 -15.33 12.57
CA THR C 39 13.20 -15.18 13.11
C THR C 39 13.46 -13.69 13.39
N ILE C 40 14.50 -13.43 14.19
CA ILE C 40 14.76 -12.08 14.67
C ILE C 40 16.12 -11.61 14.19
N PHE C 41 16.32 -10.31 14.23
CA PHE C 41 17.66 -9.73 14.16
C PHE C 41 18.21 -9.75 15.58
N HIS C 42 19.08 -10.72 15.87
CA HIS C 42 19.51 -11.02 17.23
C HIS C 42 20.78 -10.30 17.65
N ARG C 43 21.45 -9.63 16.71
CA ARG C 43 22.74 -8.99 16.96
C ARG C 43 22.72 -7.69 16.18
N VAL C 44 22.51 -6.59 16.88
CA VAL C 44 22.36 -5.26 16.29
C VAL C 44 23.44 -4.37 16.91
N ILE C 45 24.40 -3.95 16.09
CA ILE C 45 25.51 -3.09 16.55
C ILE C 45 25.48 -1.84 15.70
N ASN C 46 25.05 -0.73 16.29
CA ASN C 46 24.96 0.54 15.55
C ASN C 46 26.34 0.94 15.04
N GLY C 47 26.38 1.50 13.83
CA GLY C 47 27.67 1.82 13.25
C GLY C 47 28.47 0.63 12.75
N PHE C 48 27.84 -0.54 12.66
CA PHE C 48 28.53 -1.76 12.26
C PHE C 48 27.62 -2.57 11.34
N MET C 49 26.69 -3.33 11.91
CA MET C 49 25.80 -4.15 11.11
C MET C 49 24.64 -4.62 11.97
N ILE C 50 23.63 -5.21 11.31
CA ILE C 50 22.54 -5.90 11.98
C ILE C 50 22.47 -7.32 11.42
N GLN C 51 22.37 -8.29 12.32
CA GLN C 51 22.55 -9.68 11.93
C GLN C 51 21.32 -10.47 12.36
N GLY C 52 20.87 -11.38 11.48
CA GLY C 52 19.70 -12.21 11.74
C GLY C 52 19.70 -13.54 11.03
N GLY C 53 18.53 -14.17 10.93
CA GLY C 53 18.42 -15.39 10.15
C GLY C 53 18.73 -16.68 10.90
N GLY C 54 18.84 -16.64 12.23
CA GLY C 54 19.23 -17.84 12.95
C GLY C 54 18.42 -18.18 14.18
N PHE C 55 17.75 -17.18 14.79
CA PHE C 55 17.09 -17.37 16.06
C PHE C 55 15.62 -16.94 15.98
N GLU C 56 14.79 -17.65 16.70
CA GLU C 56 13.40 -17.32 16.98
C GLU C 56 13.32 -16.48 18.24
N PRO C 57 12.19 -15.82 18.49
CA PRO C 57 12.03 -15.08 19.74
C PRO C 57 12.30 -15.98 20.94
N GLY C 58 12.95 -15.43 21.94
CA GLY C 58 13.45 -16.22 23.05
C GLY C 58 14.85 -16.73 22.84
N MET C 59 15.52 -16.27 21.78
CA MET C 59 16.89 -16.66 21.46
C MET C 59 17.04 -18.17 21.28
N LYS C 60 16.07 -18.77 20.58
CA LYS C 60 16.09 -20.19 20.24
C LYS C 60 16.77 -20.39 18.89
N GLN C 61 17.92 -21.06 18.88
CA GLN C 61 18.66 -21.29 17.64
C GLN C 61 18.09 -22.50 16.89
N LYS C 62 17.50 -22.23 15.73
CA LYS C 62 16.89 -23.26 14.89
C LYS C 62 17.97 -24.17 14.30
N ALA C 63 17.57 -25.42 14.01
CA ALA C 63 18.44 -26.33 13.28
C ALA C 63 18.58 -25.85 11.83
N THR C 64 19.78 -25.97 11.26
CA THR C 64 20.06 -25.51 9.90
C THR C 64 20.45 -26.68 9.00
N LYS C 65 20.55 -26.39 7.71
CA LYS C 65 21.17 -27.35 6.80
C LYS C 65 22.70 -27.27 6.93
N GLU C 66 23.38 -28.13 6.18
CA GLU C 66 24.83 -28.11 6.04
C GLU C 66 25.39 -26.75 5.67
N PRO C 67 26.59 -26.42 6.13
CA PRO C 67 27.18 -25.11 5.80
C PRO C 67 27.65 -25.07 4.36
N ILE C 68 27.91 -23.86 3.91
CA ILE C 68 28.18 -23.61 2.50
C ILE C 68 29.59 -23.10 2.35
N LYS C 69 30.16 -23.31 1.17
CA LYS C 69 31.46 -22.77 0.83
C LYS C 69 31.44 -21.25 0.87
N ASN C 70 32.56 -20.68 1.30
CA ASN C 70 32.73 -19.24 1.34
C ASN C 70 33.04 -18.75 -0.09
N GLU C 71 32.15 -17.94 -0.65
CA GLU C 71 32.37 -17.37 -1.99
C GLU C 71 32.85 -15.93 -1.93
N ALA C 72 33.53 -15.55 -0.83
CA ALA C 72 33.98 -14.18 -0.65
C ALA C 72 35.04 -13.77 -1.66
N ASN C 73 35.67 -14.72 -2.33
CA ASN C 73 36.64 -14.39 -3.38
C ASN C 73 35.94 -14.02 -4.67
N ASN C 74 34.77 -13.40 -4.58
CA ASN C 74 34.04 -12.91 -5.74
C ASN C 74 34.23 -11.42 -5.96
N GLY C 75 35.15 -10.81 -5.21
CA GLY C 75 35.48 -9.41 -5.37
C GLY C 75 34.39 -8.42 -4.98
N A1ADO C 76 33.37 -8.87 -4.25
CA A1ADO C 76 32.16 -8.12 -3.74
C A1ADO C 76 32.68 -7.41 -2.43
O A1ADO C 76 33.19 -8.17 -1.67
CB A1ADO C 76 30.76 -8.58 -3.94
CG A1ADO C 76 30.48 -9.42 -5.14
CD1 A1ADO C 76 28.97 -9.64 -5.20
CD2 A1ADO C 76 30.95 -8.73 -6.43
F2 A1ADO C 76 30.39 -7.51 -6.51
N LYS C 77 32.45 -6.12 -2.19
CA LYS C 77 32.89 -5.53 -0.92
C LYS C 77 31.72 -5.32 0.06
N ASN C 78 32.05 -5.31 1.35
CA ASN C 78 31.08 -5.13 2.43
C ASN C 78 30.75 -3.65 2.64
N THR C 79 30.17 -3.04 1.61
CA THR C 79 29.77 -1.64 1.69
C THR C 79 28.38 -1.53 2.32
N ARG C 80 28.07 -0.34 2.82
CA ARG C 80 26.78 -0.10 3.47
C ARG C 80 25.62 -0.56 2.60
N GLY C 81 24.71 -1.35 3.19
CA GLY C 81 23.56 -1.90 2.48
C GLY C 81 23.76 -3.31 1.94
N THR C 82 25.00 -3.78 1.83
CA THR C 82 25.20 -5.15 1.36
C THR C 82 24.86 -6.18 2.40
N A1ADO C 83 24.43 -7.35 1.92
CA A1ADO C 83 24.22 -8.51 2.81
CA A1ADO C 83 24.18 -8.54 2.74
C A1ADO C 83 25.39 -9.47 2.64
O A1ADO C 83 25.82 -9.73 1.57
CB A1ADO C 83 22.94 -9.24 2.55
CB A1ADO C 83 22.98 -9.32 2.26
CG A1ADO C 83 21.74 -8.61 3.20
CG A1ADO C 83 21.60 -8.95 2.76
CD1 A1ADO C 83 21.24 -7.43 2.37
CD1 A1ADO C 83 21.44 -9.41 4.21
CD2 A1ADO C 83 20.58 -9.62 3.32
CD2 A1ADO C 83 21.34 -7.44 2.61
F2 A1ADO C 83 20.55 -10.42 2.22
F2 A1ADO C 83 21.05 -7.20 1.30
N ALA C 84 25.87 -9.99 3.76
CA ALA C 84 26.90 -11.03 3.74
C ALA C 84 26.52 -12.17 4.71
N MET C 85 27.21 -13.29 4.58
CA MET C 85 26.92 -14.46 5.38
C MET C 85 27.68 -14.35 6.69
N ALA C 86 26.97 -14.43 7.81
CA ALA C 86 27.63 -14.67 9.09
C ALA C 86 28.25 -16.07 9.09
N ARG C 87 29.27 -16.26 9.91
CA ARG C 87 29.89 -17.57 10.00
C ARG C 87 30.69 -17.64 11.29
N THR C 88 31.17 -18.84 11.60
CA THR C 88 32.11 -19.00 12.68
C THR C 88 33.52 -19.00 12.09
N GLN C 89 34.49 -19.54 12.84
CA GLN C 89 35.90 -19.33 12.53
C GLN C 89 36.32 -20.04 11.24
N ALA C 90 35.76 -21.21 10.97
CA ALA C 90 36.12 -21.90 9.73
C ALA C 90 35.52 -21.18 8.53
N PRO C 91 36.28 -21.00 7.45
CA PRO C 91 35.79 -20.20 6.33
C PRO C 91 34.48 -20.70 5.74
N HIS C 92 34.32 -22.02 5.62
CA HIS C 92 33.16 -22.60 4.93
C HIS C 92 32.09 -23.05 5.91
N SER C 93 31.87 -22.27 6.98
CA SER C 93 31.00 -22.63 8.08
C SER C 93 29.66 -21.89 8.08
N ALA C 94 29.40 -21.03 7.10
CA ALA C 94 28.15 -20.26 7.09
C ALA C 94 26.97 -21.20 6.84
N THR C 95 25.86 -20.91 7.51
CA THR C 95 24.64 -21.70 7.30
C THR C 95 23.50 -20.77 6.91
N ALA C 96 22.69 -20.35 7.88
CA ALA C 96 21.52 -19.52 7.60
C ALA C 96 21.69 -18.05 7.97
N GLN C 97 22.62 -17.71 8.86
CA GLN C 97 22.67 -16.37 9.41
C GLN C 97 23.36 -15.40 8.45
N PHE C 98 22.74 -14.24 8.26
CA PHE C 98 23.25 -13.16 7.42
C PHE C 98 23.31 -11.89 8.24
N PHE C 99 23.95 -10.86 7.68
CA PHE C 99 23.97 -9.55 8.30
C PHE C 99 23.94 -8.50 7.20
N ILE C 100 23.43 -7.33 7.56
CA ILE C 100 23.37 -6.16 6.67
C ILE C 100 24.40 -5.16 7.18
N ASN C 101 25.37 -4.80 6.34
CA ASN C 101 26.29 -3.73 6.68
C ASN C 101 25.54 -2.39 6.71
N VAL C 102 25.65 -1.66 7.82
CA VAL C 102 24.99 -0.35 7.93
C VAL C 102 25.98 0.78 7.73
N VAL C 103 27.28 0.49 7.66
CA VAL C 103 28.33 1.37 7.16
C VAL C 103 29.25 0.53 6.28
N ASP C 104 30.23 1.19 5.65
CA ASP C 104 31.23 0.45 4.89
C ASP C 104 32.13 -0.30 5.87
N ASN C 105 32.18 -1.62 5.73
CA ASN C 105 32.97 -2.46 6.65
C ASN C 105 34.09 -3.09 5.84
N ASP C 106 35.10 -2.27 5.54
CA ASP C 106 36.19 -2.69 4.68
C ASP C 106 36.92 -3.88 5.26
N PHE C 107 36.98 -3.96 6.59
CA PHE C 107 37.77 -4.96 7.28
C PHE C 107 37.14 -6.36 7.17
N A1ADO C 108 35.93 -6.44 6.62
CA A1ADO C 108 35.26 -7.74 6.46
CA A1ADO C 108 35.00 -7.68 6.49
C A1ADO C 108 35.54 -8.39 5.09
O A1ADO C 108 35.22 -9.54 4.73
CB A1ADO C 108 33.77 -7.56 6.63
CB A1ADO C 108 33.54 -7.40 6.63
CG A1ADO C 108 33.42 -7.18 8.06
CG A1ADO C 108 33.02 -7.82 7.98
CD1 A1ADO C 108 31.89 -7.12 8.19
CD1 A1ADO C 108 34.18 -8.07 8.96
CD2 A1ADO C 108 34.02 -8.24 9.01
CD2 A1ADO C 108 32.11 -6.73 8.56
F2 A1ADO C 108 33.49 -8.10 10.25
F2 A1ADO C 108 30.94 -6.72 7.88
N ASN C 109 36.18 -7.64 4.21
CA ASN C 109 36.40 -8.06 2.83
C ASN C 109 37.51 -9.12 2.72
N PHE C 110 37.27 -10.07 1.83
CA PHE C 110 38.23 -11.11 1.52
C PHE C 110 39.54 -10.50 1.04
N SER C 111 40.65 -11.05 1.51
CA SER C 111 41.94 -10.64 0.97
C SER C 111 42.86 -11.83 0.72
N GLY C 112 42.34 -13.06 0.75
CA GLY C 112 43.18 -14.23 0.57
C GLY C 112 42.49 -15.45 1.14
N GLU C 113 42.79 -16.63 0.59
CA GLU C 113 42.21 -17.88 1.09
C GLU C 113 43.03 -18.40 2.26
N SER C 114 43.05 -17.61 3.32
CA SER C 114 43.69 -18.00 4.58
C SER C 114 42.66 -17.89 5.69
N A1ADO C 115 43.01 -18.41 6.86
CA A1ADO C 115 42.10 -18.37 8.02
C A1ADO C 115 41.73 -16.92 8.31
O A1ADO C 115 40.65 -16.64 8.69
CB A1ADO C 115 42.75 -19.01 9.22
CG A1ADO C 115 41.75 -19.56 10.21
CD1 A1ADO C 115 42.39 -20.74 10.95
CD2 A1ADO C 115 41.39 -18.47 11.23
F2 A1ADO C 115 42.47 -17.64 11.38
N GLN C 116 42.67 -16.02 8.07
CA GLN C 116 42.48 -14.62 8.45
C GLN C 116 42.13 -13.70 7.27
N GLY C 117 42.26 -14.21 6.04
CA GLY C 117 41.96 -13.40 4.88
C GLY C 117 40.66 -13.73 4.17
N TRP C 118 39.98 -14.79 4.61
CA TRP C 118 38.79 -15.26 3.89
C TRP C 118 37.65 -14.25 3.96
N GLY C 119 37.50 -13.59 5.11
CA GLY C 119 36.46 -12.57 5.22
C GLY C 119 35.05 -13.13 5.07
N TYR C 120 34.12 -12.21 4.78
CA TYR C 120 32.69 -12.50 4.79
C TYR C 120 32.11 -12.26 3.40
N CYS C 121 31.31 -13.21 2.93
CA CYS C 121 30.91 -13.27 1.52
C CYS C 121 29.67 -12.41 1.31
N VAL C 122 29.79 -11.39 0.45
CA VAL C 122 28.65 -10.56 0.06
C VAL C 122 27.88 -11.25 -1.06
N PHE C 123 26.56 -11.33 -0.93
CA PHE C 123 25.74 -12.06 -1.87
C PHE C 123 24.47 -11.32 -2.30
N ALA C 124 24.19 -10.14 -1.75
CA ALA C 124 22.97 -9.39 -2.02
C ALA C 124 23.16 -7.97 -1.50
N GLU C 125 22.20 -7.10 -1.80
CA GLU C 125 22.23 -5.73 -1.31
C GLU C 125 20.82 -5.18 -1.16
N VAL C 126 20.63 -4.34 -0.14
CA VAL C 126 19.34 -3.70 0.09
C VAL C 126 19.11 -2.64 -0.99
N VAL C 127 17.98 -2.73 -1.68
CA VAL C 127 17.63 -1.75 -2.71
C VAL C 127 16.48 -0.85 -2.30
N ASP C 128 15.68 -1.24 -1.30
CA ASP C 128 14.62 -0.40 -0.75
C ASP C 128 14.43 -0.82 0.71
N GLY C 129 14.23 0.14 1.57
CA GLY C 129 14.10 -0.13 2.99
C GLY C 129 15.35 0.01 3.83
N MET C 130 16.38 0.72 3.37
CA MET C 130 17.38 1.09 4.37
C MET C 130 16.88 2.05 5.43
N ASP C 131 15.74 2.71 5.23
CA ASP C 131 15.14 3.41 6.37
C ASP C 131 14.70 2.44 7.46
N VAL C 132 14.30 1.21 7.06
CA VAL C 132 13.96 0.19 8.05
C VAL C 132 15.23 -0.32 8.73
N VAL C 133 16.22 -0.72 7.93
CA VAL C 133 17.55 -1.05 8.42
C VAL C 133 18.05 -0.02 9.44
N ASP C 134 17.94 1.26 9.09
CA ASP C 134 18.48 2.34 9.91
C ASP C 134 17.66 2.57 11.18
N LYS C 135 16.36 2.28 11.14
CA LYS C 135 15.62 2.30 12.40
C LYS C 135 16.06 1.14 13.29
N ILE C 136 16.15 -0.06 12.72
CA ILE C 136 16.54 -1.24 13.50
C ILE C 136 17.91 -1.05 14.13
N LYS C 137 18.87 -0.45 13.40
CA LYS C 137 20.23 -0.41 13.92
C LYS C 137 20.36 0.41 15.20
N GLY C 138 19.42 1.31 15.46
CA GLY C 138 19.49 2.20 16.60
C GLY C 138 18.68 1.77 17.81
N VAL C 139 18.08 0.58 17.82
CA VAL C 139 17.23 0.18 18.95
C VAL C 139 18.11 -0.12 20.17
N ALA C 140 17.48 -0.06 21.35
CA ALA C 140 18.12 -0.48 22.58
C ALA C 140 18.46 -1.98 22.56
N THR C 141 19.67 -2.32 23.01
CA THR C 141 20.14 -3.70 23.07
C THR C 141 20.69 -4.06 24.45
N GLY C 142 20.85 -5.34 24.66
CA GLY C 142 21.53 -5.83 25.84
C GLY C 142 21.96 -7.27 25.68
N ARG C 143 22.13 -7.93 26.80
CA ARG C 143 22.78 -9.22 26.84
C ARG C 143 21.71 -10.32 26.94
N SER C 144 21.94 -11.42 26.23
CA SER C 144 21.20 -12.66 26.44
C SER C 144 22.25 -13.75 26.65
N GLY C 145 22.52 -14.11 27.91
CA GLY C 145 23.52 -15.10 28.22
C GLY C 145 24.86 -14.85 27.55
N MET C 146 25.24 -15.67 26.56
CA MET C 146 26.48 -15.47 25.84
C MET C 146 26.41 -14.33 24.84
N HIS C 147 25.21 -13.92 24.45
CA HIS C 147 25.03 -13.01 23.33
C HIS C 147 25.04 -11.58 23.82
N GLN C 148 25.73 -10.72 23.09
CA GLN C 148 25.68 -9.29 23.29
C GLN C 148 24.87 -8.65 22.17
N ASP C 149 24.39 -7.43 22.41
CA ASP C 149 23.74 -6.63 21.37
C ASP C 149 22.42 -7.22 20.87
N VAL C 150 21.68 -7.89 21.74
CA VAL C 150 20.36 -8.45 21.46
C VAL C 150 19.30 -7.37 21.62
N PRO C 151 18.50 -7.02 20.61
CA PRO C 151 17.46 -6.00 20.81
C PRO C 151 16.58 -6.35 22.00
N LYS C 152 16.35 -5.35 22.85
CA LYS C 152 15.55 -5.55 24.04
C LYS C 152 14.11 -5.89 23.69
N GLU C 153 13.61 -5.35 22.58
CA GLU C 153 12.30 -5.70 22.04
C GLU C 153 12.53 -6.36 20.69
N ASP C 154 11.87 -7.51 20.46
CA ASP C 154 12.20 -8.34 19.31
C ASP C 154 11.95 -7.62 17.98
N VAL C 155 12.96 -7.63 17.13
CA VAL C 155 12.89 -7.20 15.73
C VAL C 155 12.72 -8.47 14.89
N ILE C 156 11.52 -8.67 14.34
CA ILE C 156 11.06 -9.98 13.86
C ILE C 156 10.91 -9.93 12.35
N ILE C 157 11.50 -10.90 11.66
CA ILE C 157 11.14 -11.17 10.26
C ILE C 157 9.88 -12.01 10.30
N GLU C 158 8.73 -11.39 10.01
CA GLU C 158 7.46 -12.12 10.08
C GLU C 158 7.32 -13.10 8.92
N SER C 159 7.58 -12.64 7.71
CA SER C 159 7.50 -13.50 6.54
C SER C 159 8.43 -12.97 5.47
N VAL C 160 8.68 -13.79 4.45
CA VAL C 160 9.52 -13.39 3.34
C VAL C 160 8.77 -13.64 2.05
N THR C 161 8.83 -12.68 1.14
CA THR C 161 8.34 -12.83 -0.22
C THR C 161 9.54 -13.04 -1.12
N VAL C 162 9.50 -14.10 -1.92
CA VAL C 162 10.56 -14.40 -2.88
C VAL C 162 9.98 -14.28 -4.28
N SER C 163 10.61 -13.47 -5.11
CA SER C 163 10.27 -13.39 -6.51
C SER C 163 11.48 -13.79 -7.33
N GLU C 164 11.28 -14.68 -8.29
CA GLU C 164 12.32 -14.96 -9.27
C GLU C 164 11.69 -15.62 -10.49
N FME D 1 -15.05 10.89 8.49
N FME D 1 -14.91 10.64 8.25
CN FME D 1 -16.40 11.12 8.40
CN FME D 1 -16.27 10.79 8.30
O1 FME D 1 -17.26 10.20 8.42
O1 FME D 1 -17.05 9.83 8.47
CA FME D 1 -14.50 9.58 8.63
CA FME D 1 -14.28 9.35 8.40
CB FME D 1 -13.96 9.03 7.30
CB FME D 1 -13.66 8.84 7.09
CG FME D 1 -14.68 7.79 6.88
CG FME D 1 -14.66 8.78 5.95
SD FME D 1 -13.62 6.94 5.76
SD FME D 1 -15.86 7.56 6.36
CE FME D 1 -12.11 6.87 6.67
CE FME D 1 -14.84 6.15 6.57
C FME D 1 -13.37 9.54 9.66
C FME D 1 -13.19 9.36 9.47
O FME D 1 -12.55 10.45 9.77
O FME D 1 -12.24 10.15 9.46
N VAL D 2 -13.35 8.46 10.44
CA VAL D 2 -12.37 8.31 11.51
C VAL D 2 -11.78 6.91 11.48
N THR D 3 -10.45 6.80 11.62
CA THR D 3 -9.78 5.52 11.73
C THR D 3 -9.08 5.41 13.08
N PHE D 4 -9.46 4.41 13.88
CA PHE D 4 -8.71 4.06 15.08
C PHE D 4 -7.57 3.13 14.69
N HIS D 5 -6.33 3.57 14.93
CA HIS D 5 -5.17 2.75 14.64
C HIS D 5 -4.83 1.99 15.91
N THR D 6 -5.35 0.76 16.03
CA THR D 6 -5.14 -0.02 17.25
C THR D 6 -3.98 -0.98 17.07
N ASN D 7 -3.54 -1.57 18.20
CA ASN D 7 -2.48 -2.57 18.11
C ASN D 7 -2.99 -3.91 17.61
N HIS D 8 -4.27 -4.03 17.24
CA HIS D 8 -4.78 -5.19 16.51
C HIS D 8 -5.24 -4.86 15.09
N GLY D 9 -4.98 -3.66 14.59
CA GLY D 9 -5.39 -3.26 13.27
C GLY D 9 -6.31 -2.05 13.28
N ASP D 10 -6.74 -1.66 12.08
CA ASP D 10 -7.51 -0.45 11.89
C ASP D 10 -9.01 -0.72 11.97
N ILE D 11 -9.71 0.15 12.68
CA ILE D 11 -11.18 0.15 12.73
C ILE D 11 -11.63 1.45 12.10
N VAL D 12 -12.23 1.37 10.93
CA VAL D 12 -12.58 2.53 10.14
C VAL D 12 -14.05 2.82 10.35
N ILE D 13 -14.39 4.08 10.65
CA ILE D 13 -15.71 4.48 11.13
C ILE D 13 -16.25 5.64 10.30
N LYS D 14 -17.53 5.57 9.94
CA LYS D 14 -18.25 6.67 9.30
C LYS D 14 -19.25 7.25 10.30
N THR D 15 -19.22 8.57 10.49
CA THR D 15 -20.07 9.23 11.48
C THR D 15 -21.45 9.57 10.89
N PHE D 16 -22.42 9.75 11.77
CA PHE D 16 -23.79 10.05 11.32
C PHE D 16 -24.16 11.49 11.66
N ASP D 17 -23.38 12.43 11.14
CA ASP D 17 -23.45 13.83 11.58
C ASP D 17 -24.87 14.38 11.59
N ASP D 18 -25.70 13.96 10.63
CA ASP D 18 -27.03 14.54 10.53
C ASP D 18 -27.97 14.02 11.61
N LYS D 19 -27.78 12.79 12.07
CA LYS D 19 -28.70 12.22 13.04
C LYS D 19 -28.20 12.29 14.48
N ALA D 20 -26.90 12.51 14.69
CA ALA D 20 -26.34 12.70 16.03
C ALA D 20 -25.36 13.87 16.00
N PRO D 21 -25.83 15.08 15.68
CA PRO D 21 -24.88 16.19 15.43
C PRO D 21 -24.06 16.55 16.65
N GLU D 22 -24.70 16.71 17.79
CA GLU D 22 -23.99 17.05 19.02
C GLU D 22 -23.03 15.93 19.40
N THR D 23 -23.45 14.66 19.24
CA THR D 23 -22.62 13.52 19.59
C THR D 23 -21.40 13.40 18.67
N VAL D 24 -21.64 13.52 17.36
CA VAL D 24 -20.54 13.42 16.39
C VAL D 24 -19.53 14.55 16.59
N LYS D 25 -20.00 15.78 16.85
CA LYS D 25 -19.05 16.88 17.06
C LYS D 25 -18.21 16.63 18.30
N ASN D 26 -18.86 16.23 19.40
CA ASN D 26 -18.14 15.83 20.62
C ASN D 26 -17.10 14.77 20.31
N PHE D 27 -17.48 13.78 19.53
CA PHE D 27 -16.62 12.65 19.23
C PHE D 27 -15.43 13.09 18.35
N A1ADO D 28 -15.72 13.91 17.34
CA A1ADO D 28 -14.69 14.39 16.28
C A1ADO D 28 -13.71 15.28 17.13
O A1ADO D 28 -12.56 15.10 16.93
CB A1ADO D 28 -15.29 15.10 15.11
CG A1ADO D 28 -16.28 14.28 14.33
CD1 A1ADO D 28 -16.63 15.02 13.06
CD2 A1ADO D 28 -15.68 12.93 13.94
F2 A1ADO D 28 -14.40 13.12 13.57
N ASP D 29 -14.20 16.10 18.07
CA ASP D 29 -13.32 17.00 18.81
C ASP D 29 -12.30 16.18 19.59
N TYR D 30 -12.78 15.23 20.39
CA TYR D 30 -11.90 14.31 21.10
C TYR D 30 -10.89 13.66 20.14
N CYS D 31 -11.36 13.16 19.00
CA CYS D 31 -10.46 12.57 18.01
C CYS D 31 -9.38 13.56 17.58
N ARG D 32 -9.79 14.76 17.12
CA ARG D 32 -8.86 15.69 16.51
C ARG D 32 -7.80 16.14 17.51
N GLU D 33 -8.19 16.36 18.77
CA GLU D 33 -7.27 16.81 19.83
C GLU D 33 -6.40 15.69 20.40
N GLY D 34 -6.51 14.47 19.90
CA GLY D 34 -5.64 13.41 20.33
C GLY D 34 -6.07 12.72 21.59
N PHE D 35 -7.29 13.00 22.07
CA PHE D 35 -7.74 12.48 23.36
C PHE D 35 -7.72 10.95 23.38
N TYR D 36 -8.08 10.31 22.26
CA TYR D 36 -8.18 8.86 22.22
C TYR D 36 -6.83 8.17 21.99
N ASN D 37 -5.80 8.94 21.67
CA ASN D 37 -4.45 8.37 21.51
C ASN D 37 -3.99 7.75 22.82
N ASN D 38 -3.51 6.51 22.75
CA ASN D 38 -3.12 5.74 23.94
C ASN D 38 -4.27 5.60 24.94
N THR D 39 -5.50 5.44 24.45
CA THR D 39 -6.55 4.87 25.26
C THR D 39 -6.74 3.41 24.86
N ILE D 40 -7.56 2.69 25.64
CA ILE D 40 -7.69 1.26 25.49
C ILE D 40 -9.16 0.90 25.37
N PHE D 41 -9.41 -0.32 24.88
CA PHE D 41 -10.74 -0.93 24.99
C PHE D 41 -10.75 -1.60 26.35
N HIS D 42 -11.36 -0.94 27.34
CA HIS D 42 -11.24 -1.39 28.73
C HIS D 42 -12.33 -2.37 29.16
N ARG D 43 -13.40 -2.52 28.37
CA ARG D 43 -14.50 -3.40 28.77
C ARG D 43 -14.93 -4.17 27.54
N VAL D 44 -14.58 -5.46 27.51
CA VAL D 44 -14.80 -6.30 26.34
C VAL D 44 -15.66 -7.48 26.75
N ILE D 45 -16.83 -7.61 26.13
CA ILE D 45 -17.80 -8.63 26.46
C ILE D 45 -18.23 -9.28 25.15
N ASN D 46 -17.68 -10.46 24.86
CA ASN D 46 -18.01 -11.18 23.64
C ASN D 46 -19.52 -11.45 23.58
N GLY D 47 -20.05 -11.44 22.36
CA GLY D 47 -21.49 -11.58 22.20
C GLY D 47 -22.29 -10.38 22.67
N PHE D 48 -21.62 -9.26 22.96
CA PHE D 48 -22.31 -8.08 23.42
C PHE D 48 -21.68 -6.84 22.79
N MET D 49 -20.54 -6.37 23.30
CA MET D 49 -19.94 -5.16 22.76
C MET D 49 -18.51 -5.03 23.28
N ILE D 50 -17.75 -4.14 22.64
CA ILE D 50 -16.44 -3.73 23.15
C ILE D 50 -16.48 -2.23 23.39
N GLN D 51 -16.00 -1.81 24.56
CA GLN D 51 -16.12 -0.44 25.04
C GLN D 51 -14.75 0.19 25.22
N GLY D 52 -14.60 1.43 24.78
CA GLY D 52 -13.36 2.14 25.00
C GLY D 52 -13.53 3.64 25.14
N GLY D 53 -12.43 4.37 24.92
CA GLY D 53 -12.47 5.82 24.88
C GLY D 53 -12.41 6.53 26.22
N GLY D 54 -12.06 5.86 27.31
CA GLY D 54 -12.01 6.56 28.59
C GLY D 54 -10.74 6.37 29.41
N PHE D 55 -10.00 5.28 29.17
CA PHE D 55 -8.92 4.90 30.06
C PHE D 55 -7.62 4.73 29.30
N GLU D 56 -6.52 5.15 29.92
CA GLU D 56 -5.20 4.81 29.47
C GLU D 56 -4.76 3.49 30.09
N PRO D 57 -3.73 2.84 29.53
CA PRO D 57 -3.23 1.60 30.15
C PRO D 57 -2.93 1.83 31.63
N GLY D 58 -3.10 0.76 32.42
CA GLY D 58 -3.10 0.90 33.87
C GLY D 58 -4.46 1.26 34.42
N MET D 59 -5.48 1.22 33.57
CA MET D 59 -6.82 1.76 33.77
C MET D 59 -6.81 3.09 34.51
N LYS D 60 -6.19 4.07 33.86
CA LYS D 60 -6.15 5.45 34.33
C LYS D 60 -7.23 6.22 33.58
N GLN D 61 -8.26 6.66 34.30
CA GLN D 61 -9.39 7.35 33.66
C GLN D 61 -9.03 8.81 33.40
N LYS D 62 -9.11 9.20 32.13
CA LYS D 62 -8.71 10.55 31.74
C LYS D 62 -9.81 11.55 32.07
N ALA D 63 -9.41 12.79 32.35
CA ALA D 63 -10.37 13.88 32.49
C ALA D 63 -11.03 14.20 31.15
N THR D 64 -12.34 14.46 31.19
CA THR D 64 -13.12 14.69 29.98
C THR D 64 -13.73 16.08 30.02
N LYS D 65 -14.25 16.52 28.88
CA LYS D 65 -15.08 17.71 28.85
C LYS D 65 -16.45 17.41 29.46
N GLU D 66 -17.29 18.43 29.56
CA GLU D 66 -18.58 18.23 30.19
C GLU D 66 -19.42 17.27 29.34
N PRO D 67 -20.36 16.54 29.95
CA PRO D 67 -21.16 15.55 29.22
C PRO D 67 -22.05 16.22 28.18
N ILE D 68 -22.68 15.38 27.35
CA ILE D 68 -23.42 15.84 26.18
C ILE D 68 -24.86 15.36 26.27
N LYS D 69 -25.75 16.11 25.63
CA LYS D 69 -27.14 15.72 25.44
C LYS D 69 -27.24 14.34 24.80
N ASN D 70 -28.15 13.53 25.32
CA ASN D 70 -28.43 12.23 24.71
C ASN D 70 -29.30 12.41 23.46
N GLU D 71 -28.85 11.83 22.35
CA GLU D 71 -29.51 11.96 21.06
C GLU D 71 -30.08 10.63 20.56
N ALA D 72 -30.27 9.65 21.47
CA ALA D 72 -30.75 8.33 21.07
C ALA D 72 -32.10 8.39 20.37
N ASN D 73 -32.84 9.48 20.60
CA ASN D 73 -34.09 9.85 19.93
C ASN D 73 -33.97 10.01 18.41
N ASN D 74 -32.75 9.87 17.88
CA ASN D 74 -32.56 9.93 16.43
C ASN D 74 -33.06 8.70 15.70
N GLY D 75 -33.44 7.65 16.42
CA GLY D 75 -34.04 6.48 15.81
C GLY D 75 -33.08 5.45 15.23
N A1ADO D 76 -31.77 5.68 15.36
CA A1ADO D 76 -30.59 4.88 14.86
C A1ADO D 76 -30.62 3.59 15.81
O A1ADO D 76 -30.71 3.84 16.96
CB A1ADO D 76 -29.37 5.64 14.47
CG A1ADO D 76 -29.56 6.88 13.66
CD1 A1ADO D 76 -28.16 7.42 13.39
CD2 A1ADO D 76 -30.21 6.56 12.31
F2 A1ADO D 76 -31.07 5.52 12.47
N LYS D 77 -30.46 2.37 15.30
CA LYS D 77 -30.57 1.18 16.13
C LYS D 77 -29.17 0.62 16.46
N ASN D 78 -29.01 0.06 17.66
CA ASN D 78 -27.75 -0.53 18.09
C ASN D 78 -27.52 -1.88 17.40
N THR D 79 -27.45 -1.87 16.06
CA THR D 79 -27.15 -3.06 15.30
C THR D 79 -25.65 -3.32 15.31
N ARG D 80 -25.28 -4.54 14.90
CA ARG D 80 -23.87 -4.92 14.87
C ARG D 80 -23.07 -3.97 13.98
N GLY D 81 -21.95 -3.50 14.49
CA GLY D 81 -21.12 -2.56 13.78
C GLY D 81 -21.32 -1.11 14.19
N THR D 82 -22.46 -0.78 14.79
CA THR D 82 -22.69 0.61 15.18
C THR D 82 -21.89 1.01 16.42
N A1ADO D 83 -21.54 2.29 16.46
CA A1ADO D 83 -20.72 3.07 17.54
CA A1ADO D 83 -20.91 2.90 17.63
C A1ADO D 83 -21.99 3.64 18.42
O A1ADO D 83 -22.87 4.36 17.91
CB A1ADO D 83 -19.76 4.16 17.21
CB A1ADO D 83 -19.82 3.87 17.24
CG A1ADO D 83 -18.40 3.77 16.74
CG A1ADO D 83 -18.47 3.23 17.03
CD1 A1ADO D 83 -17.34 3.88 17.82
CD1 A1ADO D 83 -18.45 2.37 15.77
CD2 A1ADO D 83 -18.43 2.42 16.02
CD2 A1ADO D 83 -17.44 4.36 16.88
F2 A1ADO D 83 -18.98 2.65 14.81
F2 A1ADO D 83 -16.47 4.18 17.80
N ALA D 84 -21.99 3.50 19.73
CA ALA D 84 -22.94 4.26 20.54
C ALA D 84 -22.19 4.80 21.74
N MET D 85 -22.73 5.83 22.40
CA MET D 85 -22.05 6.42 23.54
C MET D 85 -22.41 5.66 24.80
N ALA D 86 -21.39 5.18 25.51
CA ALA D 86 -21.60 4.76 26.88
C ALA D 86 -21.90 5.99 27.74
N ARG D 87 -22.42 5.74 28.94
CA ARG D 87 -22.77 6.82 29.87
C ARG D 87 -23.02 6.18 31.23
N THR D 88 -23.35 7.01 32.21
CA THR D 88 -23.87 6.51 33.47
C THR D 88 -25.38 6.69 33.46
N GLN D 89 -26.01 6.55 34.64
CA GLN D 89 -27.47 6.39 34.73
C GLN D 89 -28.22 7.60 34.16
N ALA D 90 -27.72 8.81 34.43
CA ALA D 90 -28.37 10.01 33.91
C ALA D 90 -28.37 9.99 32.39
N PRO D 91 -29.51 10.25 31.75
CA PRO D 91 -29.56 10.21 30.29
C PRO D 91 -28.50 11.06 29.60
N HIS D 92 -28.22 12.24 30.13
CA HIS D 92 -27.29 13.18 29.49
C HIS D 92 -25.89 13.16 30.13
N SER D 93 -25.37 11.97 30.45
CA SER D 93 -24.09 11.86 31.16
C SER D 93 -22.93 11.39 30.29
N ALA D 94 -23.16 11.06 29.01
CA ALA D 94 -22.07 10.59 28.16
C ALA D 94 -21.02 11.68 27.98
N THR D 95 -19.76 11.27 28.00
CA THR D 95 -18.65 12.18 27.73
C THR D 95 -17.82 11.66 26.55
N ALA D 96 -16.80 10.83 26.81
CA ALA D 96 -15.88 10.38 25.78
C ALA D 96 -15.97 8.89 25.45
N GLN D 97 -16.48 8.07 26.35
CA GLN D 97 -16.49 6.63 26.14
C GLN D 97 -17.56 6.23 25.13
N PHE D 98 -17.20 5.28 24.26
CA PHE D 98 -18.07 4.75 23.24
C PHE D 98 -17.98 3.23 23.29
N PHE D 99 -18.93 2.55 22.65
CA PHE D 99 -18.83 1.11 22.48
C PHE D 99 -19.28 0.74 21.08
N ILE D 100 -18.75 -0.36 20.59
CA ILE D 100 -19.12 -0.95 19.32
C ILE D 100 -19.93 -2.21 19.64
N ASN D 101 -21.17 -2.26 19.16
CA ASN D 101 -21.96 -3.47 19.27
C ASN D 101 -21.40 -4.54 18.34
N VAL D 102 -21.12 -5.73 18.89
CA VAL D 102 -20.62 -6.81 18.06
C VAL D 102 -21.72 -7.77 17.66
N VAL D 103 -22.91 -7.64 18.24
CA VAL D 103 -24.13 -8.26 17.77
C VAL D 103 -25.22 -7.19 17.78
N ASP D 104 -26.45 -7.58 17.45
CA ASP D 104 -27.57 -6.67 17.59
C ASP D 104 -27.99 -6.63 19.05
N ASN D 105 -28.02 -5.43 19.63
CA ASN D 105 -28.41 -5.21 21.02
C ASN D 105 -29.63 -4.28 21.05
N ASP D 106 -30.78 -4.82 20.64
CA ASP D 106 -31.98 -3.99 20.54
C ASP D 106 -32.42 -3.45 21.89
N PHE D 107 -32.11 -4.16 22.97
CA PHE D 107 -32.45 -3.67 24.30
C PHE D 107 -31.74 -2.37 24.67
N A1ADO D 108 -30.74 -1.95 23.87
CA A1ADO D 108 -29.98 -0.71 24.13
C A1ADO D 108 -30.61 0.48 23.40
O A1ADO D 108 -30.20 1.59 23.53
CB A1ADO D 108 -28.54 -0.86 23.70
CG A1ADO D 108 -27.77 -1.93 24.43
CD1 A1ADO D 108 -26.27 -1.90 24.10
CD2 A1ADO D 108 -27.92 -1.72 25.95
F2 A1ADO D 108 -26.98 -2.47 26.58
N ASN D 109 -31.62 0.21 22.61
CA ASN D 109 -32.23 1.23 21.77
C ASN D 109 -33.11 2.17 22.57
N PHE D 110 -33.15 3.43 22.15
CA PHE D 110 -34.04 4.41 22.76
C PHE D 110 -35.46 3.83 22.82
N SER D 111 -36.17 4.11 23.88
CA SER D 111 -37.57 3.71 23.91
C SER D 111 -38.50 4.83 24.37
N GLY D 112 -38.10 5.58 25.40
CA GLY D 112 -38.84 6.76 25.81
C GLY D 112 -37.91 7.66 26.59
N GLU D 113 -38.16 8.97 26.52
CA GLU D 113 -37.36 9.90 27.31
C GLU D 113 -37.71 9.68 28.78
N SER D 114 -37.11 8.63 29.33
CA SER D 114 -37.26 8.28 30.72
C SER D 114 -35.92 7.67 31.15
N A1ADO D 115 -35.84 7.22 32.40
CA A1ADO D 115 -34.60 6.64 32.93
C A1ADO D 115 -34.33 5.30 32.23
O A1ADO D 115 -33.24 5.05 31.85
CB A1ADO D 115 -34.69 6.47 34.41
CG A1ADO D 115 -33.63 7.24 35.16
CD1 A1ADO D 115 -34.30 8.26 36.09
CD2 A1ADO D 115 -32.82 6.25 36.00
F2 A1ADO D 115 -33.69 5.46 36.69
N GLN D 116 -35.37 4.49 32.08
CA GLN D 116 -35.22 3.15 31.52
C GLN D 116 -35.39 3.13 30.00
N GLY D 117 -35.82 4.24 29.42
CA GLY D 117 -36.10 4.25 28.00
C GLY D 117 -35.11 5.00 27.14
N TRP D 118 -34.35 5.92 27.74
CA TRP D 118 -33.48 6.80 26.97
C TRP D 118 -32.45 6.02 26.17
N GLY D 119 -32.05 4.84 26.64
CA GLY D 119 -31.18 3.96 25.88
C GLY D 119 -29.81 4.57 25.60
N TYR D 120 -29.20 4.15 24.49
CA TYR D 120 -27.84 4.52 24.13
C TYR D 120 -27.81 5.03 22.69
N CYS D 121 -27.12 6.16 22.48
CA CYS D 121 -27.23 6.93 21.25
C CYS D 121 -26.22 6.44 20.21
N VAL D 122 -26.72 5.96 19.07
CA VAL D 122 -25.90 5.50 17.95
C VAL D 122 -25.52 6.71 17.10
N PHE D 123 -24.25 6.84 16.78
CA PHE D 123 -23.77 8.01 16.06
C PHE D 123 -22.80 7.68 14.94
N ALA D 124 -22.46 6.43 14.73
CA ALA D 124 -21.45 6.05 13.74
C ALA D 124 -21.55 4.55 13.51
N GLU D 125 -20.74 4.07 12.58
CA GLU D 125 -20.71 2.65 12.28
C GLU D 125 -19.37 2.27 11.67
N VAL D 126 -18.90 1.06 11.99
CA VAL D 126 -17.68 0.54 11.38
C VAL D 126 -17.94 0.19 9.91
N VAL D 127 -17.13 0.73 9.02
CA VAL D 127 -17.23 0.44 7.60
C VAL D 127 -16.10 -0.48 7.09
N ASP D 128 -15.00 -0.61 7.84
CA ASP D 128 -13.89 -1.51 7.54
C ASP D 128 -13.17 -1.78 8.86
N GLY D 129 -12.71 -3.03 9.04
CA GLY D 129 -12.08 -3.45 10.27
C GLY D 129 -12.97 -4.18 11.27
N MET D 130 -14.19 -4.56 10.88
CA MET D 130 -14.97 -5.48 11.71
C MET D 130 -14.20 -6.75 12.03
N ASP D 131 -13.26 -7.17 11.18
CA ASP D 131 -12.38 -8.25 11.59
C ASP D 131 -11.51 -7.86 12.78
N VAL D 132 -11.05 -6.61 12.83
CA VAL D 132 -10.30 -6.17 13.99
C VAL D 132 -11.21 -6.15 15.22
N VAL D 133 -12.43 -5.65 15.04
CA VAL D 133 -13.42 -5.66 16.11
C VAL D 133 -13.68 -7.09 16.60
N ASP D 134 -13.77 -8.05 15.68
CA ASP D 134 -14.11 -9.42 16.09
C ASP D 134 -12.94 -10.14 16.75
N LYS D 135 -11.69 -9.82 16.40
CA LYS D 135 -10.57 -10.31 17.19
C LYS D 135 -10.56 -9.69 18.59
N ILE D 136 -10.76 -8.38 18.69
CA ILE D 136 -10.81 -7.75 20.02
C ILE D 136 -11.88 -8.42 20.88
N LYS D 137 -13.09 -8.61 20.34
CA LYS D 137 -14.18 -9.13 21.16
C LYS D 137 -13.90 -10.52 21.74
N GLY D 138 -12.93 -11.26 21.18
CA GLY D 138 -12.62 -12.61 21.62
C GLY D 138 -11.39 -12.75 22.51
N VAL D 139 -10.79 -11.66 22.98
CA VAL D 139 -9.58 -11.79 23.79
C VAL D 139 -9.95 -12.17 25.23
N ALA D 140 -8.96 -12.69 25.95
CA ALA D 140 -9.13 -13.04 27.36
C ALA D 140 -9.28 -11.79 28.22
N THR D 141 -10.18 -11.85 29.20
CA THR D 141 -10.44 -10.71 30.06
C THR D 141 -10.28 -11.10 31.53
N GLY D 142 -10.21 -10.08 32.38
CA GLY D 142 -10.17 -10.29 33.81
C GLY D 142 -10.56 -9.04 34.56
N ARG D 143 -10.42 -9.12 35.88
CA ARG D 143 -10.73 -8.03 36.79
C ARG D 143 -9.57 -7.05 36.84
N SER D 144 -9.91 -5.77 37.05
CA SER D 144 -8.90 -4.77 37.43
C SER D 144 -9.58 -3.89 38.46
N GLY D 145 -9.34 -4.19 39.74
CA GLY D 145 -10.00 -3.45 40.80
C GLY D 145 -11.49 -3.62 40.68
N MET D 146 -12.22 -2.49 40.65
CA MET D 146 -13.66 -2.51 40.49
C MET D 146 -14.10 -2.92 39.08
N HIS D 147 -13.19 -2.95 38.11
CA HIS D 147 -13.57 -3.15 36.72
C HIS D 147 -13.55 -4.63 36.35
N GLN D 148 -14.52 -5.03 35.55
CA GLN D 148 -14.60 -6.38 35.03
C GLN D 148 -14.48 -6.34 33.52
N ASP D 149 -14.25 -7.51 32.94
CA ASP D 149 -14.18 -7.67 31.49
C ASP D 149 -13.07 -6.81 30.89
N VAL D 150 -12.01 -6.60 31.67
CA VAL D 150 -10.83 -5.83 31.25
C VAL D 150 -9.88 -6.76 30.51
N PRO D 151 -9.44 -6.45 29.28
CA PRO D 151 -8.52 -7.38 28.59
C PRO D 151 -7.24 -7.55 29.39
N LYS D 152 -6.77 -8.80 29.45
CA LYS D 152 -5.55 -9.07 30.21
C LYS D 152 -4.32 -8.49 29.51
N GLU D 153 -4.32 -8.43 28.18
CA GLU D 153 -3.34 -7.67 27.41
C GLU D 153 -4.03 -6.44 26.82
N ASP D 154 -3.41 -5.28 26.96
CA ASP D 154 -4.06 -4.02 26.59
C ASP D 154 -4.36 -3.99 25.11
N VAL D 155 -5.59 -3.66 24.78
CA VAL D 155 -6.02 -3.35 23.42
C VAL D 155 -6.01 -1.83 23.33
N ILE D 156 -5.04 -1.29 22.59
CA ILE D 156 -4.66 0.13 22.64
C ILE D 156 -5.02 0.79 21.31
N ILE D 157 -5.72 1.93 21.37
CA ILE D 157 -5.82 2.83 20.22
C ILE D 157 -4.57 3.69 20.24
N GLU D 158 -3.62 3.43 19.35
CA GLU D 158 -2.34 4.14 19.42
C GLU D 158 -2.49 5.56 18.90
N SER D 159 -3.18 5.72 17.77
CA SER D 159 -3.49 7.05 17.25
C SER D 159 -4.81 6.97 16.49
N VAL D 160 -5.26 8.12 16.02
CA VAL D 160 -6.54 8.26 15.33
C VAL D 160 -6.30 9.17 14.14
N THR D 161 -6.87 8.82 12.98
CA THR D 161 -6.81 9.65 11.79
C THR D 161 -8.20 10.18 11.48
N VAL D 162 -8.34 11.49 11.38
CA VAL D 162 -9.61 12.15 11.07
C VAL D 162 -9.51 12.79 9.70
N SER D 163 -10.43 12.43 8.80
CA SER D 163 -10.51 13.05 7.48
C SER D 163 -11.56 14.15 7.47
C1 EDO E . 14.51 -12.37 -14.03
O1 EDO E . 13.31 -13.13 -13.84
C2 EDO E . 14.89 -11.59 -12.78
O2 EDO E . 14.17 -10.35 -12.68
C1 EDO F . 16.82 7.97 -25.46
O1 EDO F . 17.16 7.86 -26.86
C2 EDO F . 16.46 9.42 -25.14
O2 EDO F . 16.15 9.55 -23.73
C1 EDO G . 26.67 -10.88 -13.98
O1 EDO G . 25.75 -11.02 -15.05
C2 EDO G . 27.10 -9.42 -13.92
O2 EDO G . 26.14 -8.67 -13.15
C1 PGE H . 19.42 3.32 -25.47
O1 PGE H . 19.94 4.46 -24.79
C2 PGE H . 18.93 2.34 -24.42
O2 PGE H . 18.78 1.08 -25.01
C3 PGE H . 19.40 0.01 -24.32
C4 PGE H . 20.90 0.27 -24.28
O4 PGE H . 22.66 0.81 -28.03
C6 PGE H . 22.84 1.78 -27.00
C5 PGE H . 22.63 1.14 -25.62
O3 PGE H . 21.28 0.70 -25.55
C1 EDO I . 17.87 6.63 -32.85
O1 EDO I . 17.84 6.09 -31.53
C2 EDO I . 18.08 8.13 -32.76
O2 EDO I . 18.29 8.64 -34.08
C1 PEG J . -25.30 9.04 -10.82
O1 PEG J . -24.97 7.90 -11.62
C2 PEG J . -26.69 8.96 -10.27
O2 PEG J . -27.60 9.16 -11.34
C3 PEG J . -28.87 8.54 -11.13
C4 PEG J . -29.74 8.86 -12.30
O4 PEG J . -29.62 10.24 -12.65
C1 EDO K . -21.97 20.78 -4.76
O1 EDO K . -21.17 20.97 -3.59
C2 EDO K . -22.97 21.92 -4.92
O2 EDO K . -23.53 22.36 -3.69
OH2 1PE L . -34.36 13.44 -8.41
C12 1PE L . -34.32 14.64 -9.15
C22 1PE L . -32.90 15.05 -9.44
OH3 1PE L . -32.35 15.65 -8.28
C13 1PE L . -31.07 17.33 -9.37
C23 1PE L . -31.02 16.14 -8.48
OH4 1PE L . -29.85 17.42 -10.09
C14 1PE L . -28.94 19.62 -10.39
C24 1PE L . -29.80 18.54 -10.96
OH5 1PE L . -29.54 20.23 -9.26
C15 1PE L . -29.65 22.18 -7.85
C25 1PE L . -28.88 21.43 -8.88
OH6 1PE L . -30.11 23.44 -8.38
C16 1PE L . -32.10 24.64 -8.98
C26 1PE L . -31.42 23.78 -7.94
OH7 1PE L . -33.48 24.33 -9.10
O1 XPE M . 31.52 -10.27 13.14
C2 XPE M . 31.09 -9.47 12.07
C3 XPE M . 30.28 -10.28 11.06
O4 XPE M . 29.08 -10.64 11.63
C5 XPE M . 28.68 -11.96 11.42
C6 XPE M . 29.83 -12.97 11.63
O7 XPE M . 29.89 -13.43 12.95
C8 XPE M . 31.17 -13.80 13.37
C9 XPE M . 31.16 -14.14 14.87
O10 XPE M . 30.52 -13.12 15.58
C11 XPE M . 31.29 -12.50 16.58
C12 XPE M . 30.60 -12.69 17.94
O13 XPE M . 29.78 -13.82 17.85
C14 XPE M . 29.30 -14.26 19.09
C15 XPE M . 28.31 -15.40 18.89
O16 XPE M . 28.64 -16.42 19.79
C17 XPE M . 27.96 -16.38 21.01
C18 XPE M . 28.28 -17.66 21.80
O19 XPE M . 27.08 -18.26 22.23
C20 XPE M . 26.85 -19.59 21.82
C21 XPE M . 28.11 -20.31 21.33
O22 XPE M . 27.99 -21.70 21.49
C23 XPE M . 28.10 -22.45 20.32
C24 XPE M . 26.71 -23.01 20.00
O25 XPE M . 26.77 -23.86 18.89
C26 XPE M . 25.51 -24.15 18.35
C27 XPE M . 25.69 -24.56 16.89
O28 XPE M . 24.53 -24.28 16.15
C29 XPE M . 24.07 -25.33 15.33
C30 XPE M . 23.21 -24.77 14.20
O31 XPE M . 21.92 -24.43 14.65
C1 EDO N . 21.11 3.50 0.59
O1 EDO N . 22.06 2.40 0.58
C2 EDO N . 21.20 4.27 1.91
O2 EDO N . 20.02 5.08 2.09
C1 PGE O . -23.16 -1.16 27.33
O1 PGE O . -23.81 -1.39 28.58
C2 PGE O . -22.43 0.16 27.33
O2 PGE O . -21.88 0.45 28.61
C3 PGE O . -22.62 1.40 29.37
C4 PGE O . -21.94 1.63 30.71
O4 PGE O . -20.57 -0.75 34.18
C6 PGE O . -21.35 0.35 33.70
C5 PGE O . -22.08 -0.04 32.43
O3 PGE O . -22.68 1.09 31.80
C1 EDO P . -14.12 16.74 5.79
O1 EDO P . -12.77 16.52 6.25
C2 EDO P . -15.09 16.05 6.74
O2 EDO P . -14.76 16.42 8.08
#